data_4Q2D
#
_entry.id   4Q2D
#
_cell.length_a   105.684
_cell.length_b   211.630
_cell.length_c   104.272
_cell.angle_alpha   90.00
_cell.angle_beta   90.00
_cell.angle_gamma   90.00
#
_symmetry.space_group_name_H-M   'C 2 2 21'
#
loop_
_entity.id
_entity.type
_entity.pdbx_description
1 polymer 'CRISPR-associated helicase Cas3'
2 non-polymer 'NICKEL (II) ION'
3 non-polymer 'MAGNESIUM ION'
4 non-polymer "2'-DEOXYADENOSINE 5'-TRIPHOSPHATE"
5 water water
#
_entity_poly.entity_id   1
_entity_poly.type   'polypeptide(L)'
_entity_poly.pdbx_seq_one_letter_code
;GGGGG(MSE)NGGPG(MSE)DGTSEVDLSGAGSPVGAAGWRVDPWIFWAKWGSGPDLGWHPLLCH(MSE)LDVAAVTLQ
(MSE)WRRVLPAAWKARISGVLGVGQEDAERWLAFFAGGHDIGKASPAFQLQLRPEQGRELVARRLRDAGLPLFNARAPH
GTISANVLETVLADVFGLSGRSARWVAFAVGGHHGFVPSYDEVRRDLDQQAVGWG(MSE)WDAAREVLLCRLADALGLPG
SSRPTVESTPDAF(MSE)LAGLVSVADWIGSNEEYFPYAAQSALQVPQLDAEAYLERA(MSE)RQAERA(MSE)ASLGWV
GWRPASGS(MSE)RLTELFPYIRQPTTVQAAAEELAGEVKSPSITIIEAP(MSE)GEGKTEAA(MSE)LLADTFSTAHG
(MSE)SGCYFALPT(MSE)ATSNQ(MSE)FGRVTDYLRHRYPEDVVVVNLVHGHSDLSALLQELRQKGEEIFQLQGVYDE
ALGDEQLGAVVAGQWFTRGKRALLPPYGVGTVDQALLAVLQVKHVFVRLFALSTKTVIVDEVHAYDVY(MSE)TTLLHRL
LEWLGALSVPVVVLSATLPSARRRELVKAYARGAGWQAERDLPPAGYPRITYAAAEDVRGIHFAPSEASRRKVALRWVSA
PEHEALGQLLAEALSQGGCAAIICNTVPRAQALYSALREVFPGLAEDG(MSE)PELDLLHARYPYEEREVREARTLGRFS
RNGRRPHRAILVATQVIEQSLDLDFDL(MSE)VTDLAPVDLVLQR(MSE)GRLHRHPVHDPLRPERLRSPELWVVSPQV
(MSE)GDVPIFDRGSASVYDEHTLLRSWLALRDRDTLQLPEDIEELVEQVYSDGRVPQGASEELRSLWERTFKAQQKVLR
EDSLQAKYRYIKGPGYNSIWGIVTASVEEDAPELHPALQALTRLAEPSVSAVCLVAGSGGPCLPDGTPVDLDTPPDAA
(MSE)AERLLRRSVAITDARVLDPLLDVPVPKGWERSSLLRGYRPLVFDASGRA(MSE)VGRWIVRIDPELGIVVESP
;
_entity_poly.pdbx_strand_id   A
#
loop_
_chem_comp.id
_chem_comp.type
_chem_comp.name
_chem_comp.formula
DTP non-polymer '2'-DEOXYADENOSINE 5'-TRIPHOSPHATE' 'C10 H16 N5 O12 P3'
MG non-polymer 'MAGNESIUM ION' 'Mg 2'
NI non-polymer 'NICKEL (II) ION' 'Ni 2'
#
# COMPACT_ATOMS: atom_id res chain seq x y z
N ALA A 23 14.75 -41.21 9.87
CA ALA A 23 13.96 -41.90 8.86
C ALA A 23 13.98 -43.41 9.08
N GLY A 24 12.85 -43.95 9.54
CA GLY A 24 12.79 -45.34 9.97
C GLY A 24 12.54 -46.40 8.92
N SER A 25 12.34 -46.00 7.66
CA SER A 25 12.07 -46.99 6.62
C SER A 25 13.24 -47.14 5.63
N PRO A 26 13.84 -48.34 5.57
CA PRO A 26 14.88 -48.63 4.59
C PRO A 26 14.34 -48.55 3.17
N VAL A 27 15.16 -48.09 2.24
CA VAL A 27 14.74 -47.94 0.85
C VAL A 27 15.78 -48.55 -0.08
N GLY A 28 15.35 -49.49 -0.91
CA GLY A 28 16.25 -50.15 -1.84
C GLY A 28 16.53 -49.29 -3.05
N ALA A 29 17.47 -49.72 -3.88
CA ALA A 29 17.86 -48.94 -5.05
C ALA A 29 16.70 -48.77 -6.03
N ALA A 30 15.83 -49.78 -6.06
CA ALA A 30 14.65 -49.74 -6.92
C ALA A 30 13.74 -48.60 -6.50
N GLY A 31 13.75 -48.28 -5.21
CA GLY A 31 12.99 -47.17 -4.70
C GLY A 31 13.65 -45.85 -5.04
N TRP A 32 14.97 -45.87 -5.11
CA TRP A 32 15.73 -44.68 -5.47
C TRP A 32 15.65 -44.37 -6.96
N ARG A 33 15.24 -45.34 -7.77
CA ARG A 33 14.99 -45.08 -9.19
C ARG A 33 13.83 -44.09 -9.39
N VAL A 34 12.86 -44.17 -8.49
CA VAL A 34 11.70 -43.26 -8.41
C VAL A 34 11.18 -42.56 -9.70
N ASP A 35 12.07 -41.84 -10.39
CA ASP A 35 11.72 -40.95 -11.50
C ASP A 35 10.95 -39.72 -11.01
N PRO A 36 11.67 -38.58 -10.91
CA PRO A 36 11.22 -37.31 -10.34
C PRO A 36 9.99 -36.69 -11.01
N TRP A 37 9.84 -36.91 -12.32
CA TRP A 37 8.84 -36.19 -13.10
C TRP A 37 7.38 -36.59 -12.85
N ILE A 38 7.15 -37.73 -12.23
CA ILE A 38 5.79 -38.22 -12.03
C ILE A 38 4.95 -37.34 -11.10
N PHE A 39 5.59 -36.68 -10.14
CA PHE A 39 4.90 -35.82 -9.19
C PHE A 39 4.39 -34.53 -9.83
N TRP A 40 3.20 -34.10 -9.43
CA TRP A 40 2.60 -32.89 -10.00
C TRP A 40 2.56 -31.73 -9.00
N ALA A 41 2.59 -30.51 -9.53
CA ALA A 41 2.46 -29.31 -8.71
C ALA A 41 1.26 -28.48 -9.15
N LYS A 42 1.07 -28.39 -10.46
CA LYS A 42 -0.09 -27.70 -11.03
C LYS A 42 -0.93 -28.69 -11.82
N TRP A 43 -2.24 -28.48 -11.86
CA TRP A 43 -3.12 -29.36 -12.61
C TRP A 43 -4.21 -28.59 -13.33
N GLY A 44 -4.59 -29.06 -14.51
CA GLY A 44 -5.57 -28.36 -15.33
C GLY A 44 -7.01 -28.65 -14.91
N SER A 45 -7.94 -27.97 -15.57
CA SER A 45 -9.36 -28.14 -15.27
C SER A 45 -10.15 -28.48 -16.52
N GLY A 46 -10.51 -27.46 -17.29
CA GLY A 46 -11.34 -27.65 -18.46
C GLY A 46 -10.54 -27.86 -19.74
N PRO A 47 -10.34 -26.79 -20.51
CA PRO A 47 -9.64 -26.83 -21.81
C PRO A 47 -8.21 -27.36 -21.69
N ASP A 48 -7.55 -27.08 -20.57
CA ASP A 48 -6.20 -27.57 -20.35
C ASP A 48 -6.20 -28.96 -19.74
N LEU A 49 -6.09 -29.97 -20.60
CA LEU A 49 -6.09 -31.36 -20.15
C LEU A 49 -4.74 -31.75 -19.55
N GLY A 50 -3.74 -30.89 -19.72
CA GLY A 50 -2.40 -31.17 -19.27
C GLY A 50 -2.12 -30.83 -17.82
N TRP A 51 -0.87 -31.02 -17.40
CA TRP A 51 -0.47 -30.76 -16.03
C TRP A 51 1.01 -30.39 -15.92
N HIS A 52 1.37 -29.72 -14.82
CA HIS A 52 2.75 -29.31 -14.59
C HIS A 52 3.44 -30.17 -13.53
N PRO A 53 4.53 -30.86 -13.92
CA PRO A 53 5.32 -31.66 -12.99
C PRO A 53 5.95 -30.78 -11.91
N LEU A 54 6.08 -31.31 -10.69
CA LEU A 54 6.56 -30.52 -9.56
C LEU A 54 7.97 -29.97 -9.77
N LEU A 55 8.85 -30.80 -10.33
CA LEU A 55 10.23 -30.39 -10.55
C LEU A 55 10.31 -29.25 -11.55
N CYS A 56 9.39 -29.24 -12.51
CA CYS A 56 9.32 -28.15 -13.47
C CYS A 56 8.93 -26.86 -12.77
N HIS A 57 7.99 -26.94 -11.84
CA HIS A 57 7.54 -25.77 -11.11
C HIS A 57 8.65 -25.23 -10.22
N MSE A 58 9.44 -26.14 -9.64
CA MSE A 58 10.55 -25.72 -8.79
C MSE A 58 11.63 -25.04 -9.62
O MSE A 58 12.20 -24.02 -9.21
CB MSE A 58 11.11 -26.92 -8.03
CG MSE A 58 10.09 -27.61 -7.13
SE MSE A 58 10.88 -28.79 -5.80
CE MSE A 58 11.57 -30.18 -6.98
N LEU A 59 11.91 -25.60 -10.80
CA LEU A 59 12.87 -25.00 -11.71
C LEU A 59 12.38 -23.65 -12.21
N ASP A 60 11.06 -23.51 -12.34
CA ASP A 60 10.47 -22.25 -12.80
C ASP A 60 10.64 -21.17 -11.75
N VAL A 61 10.28 -21.49 -10.51
CA VAL A 61 10.39 -20.51 -9.44
C VAL A 61 11.85 -20.14 -9.18
N ALA A 62 12.74 -21.13 -9.28
CA ALA A 62 14.16 -20.86 -9.12
C ALA A 62 14.67 -19.96 -10.24
N ALA A 63 14.14 -20.18 -11.45
CA ALA A 63 14.53 -19.37 -12.59
C ALA A 63 14.06 -17.93 -12.44
N VAL A 64 12.86 -17.77 -11.89
CA VAL A 64 12.33 -16.44 -11.63
C VAL A 64 13.18 -15.73 -10.59
N THR A 65 13.67 -16.50 -9.62
CA THR A 65 14.55 -15.94 -8.60
C THR A 65 15.88 -15.49 -9.21
N LEU A 66 16.40 -16.30 -10.14
CA LEU A 66 17.66 -15.97 -10.79
C LEU A 66 17.52 -14.70 -11.61
N GLN A 67 16.45 -14.63 -12.39
CA GLN A 67 16.20 -13.46 -13.23
C GLN A 67 15.91 -12.21 -12.41
N MSE A 68 15.32 -12.39 -11.22
CA MSE A 68 15.13 -11.28 -10.30
C MSE A 68 16.48 -10.77 -9.86
O MSE A 68 16.72 -9.56 -9.83
CB MSE A 68 14.37 -11.72 -9.06
CG MSE A 68 12.86 -11.69 -9.18
SE MSE A 68 12.05 -11.93 -7.43
CE MSE A 68 10.22 -12.27 -7.99
N TRP A 69 17.37 -11.70 -9.52
CA TRP A 69 18.70 -11.34 -9.05
C TRP A 69 19.51 -10.64 -10.12
N ARG A 70 19.31 -11.04 -11.37
CA ARG A 70 20.15 -10.56 -12.46
C ARG A 70 19.59 -9.35 -13.22
N ARG A 71 18.29 -9.08 -13.06
CA ARG A 71 17.65 -8.09 -13.92
C ARG A 71 16.73 -7.08 -13.20
N VAL A 72 16.39 -7.36 -11.94
CA VAL A 72 15.41 -6.54 -11.24
C VAL A 72 15.95 -5.88 -9.96
N LEU A 73 16.54 -6.69 -9.09
CA LEU A 73 16.95 -6.23 -7.77
C LEU A 73 18.09 -5.22 -7.80
N PRO A 74 17.97 -4.14 -7.01
CA PRO A 74 19.00 -3.11 -6.85
C PRO A 74 20.27 -3.70 -6.25
N ALA A 75 21.43 -3.20 -6.66
CA ALA A 75 22.71 -3.79 -6.27
C ALA A 75 22.97 -3.75 -4.77
N ALA A 76 22.47 -2.71 -4.10
CA ALA A 76 22.66 -2.57 -2.67
C ALA A 76 21.96 -3.71 -1.92
N TRP A 77 20.83 -4.13 -2.45
CA TRP A 77 20.05 -5.20 -1.85
C TRP A 77 20.80 -6.52 -1.97
N LYS A 78 21.35 -6.78 -3.15
CA LYS A 78 22.10 -8.01 -3.39
C LYS A 78 23.37 -8.04 -2.56
N ALA A 79 23.96 -6.87 -2.36
CA ALA A 79 25.19 -6.78 -1.58
C ALA A 79 24.89 -7.06 -0.11
N ARG A 80 23.83 -6.43 0.39
CA ARG A 80 23.46 -6.60 1.80
C ARG A 80 23.04 -8.03 2.10
N ILE A 81 22.20 -8.59 1.23
CA ILE A 81 21.75 -9.96 1.43
C ILE A 81 22.89 -10.97 1.29
N SER A 82 23.85 -10.67 0.42
CA SER A 82 25.05 -11.50 0.31
C SER A 82 25.87 -11.40 1.58
N GLY A 83 25.84 -10.22 2.21
CA GLY A 83 26.54 -10.03 3.46
C GLY A 83 25.90 -10.76 4.62
N VAL A 84 24.57 -10.82 4.63
CA VAL A 84 23.86 -11.57 5.66
C VAL A 84 24.08 -13.07 5.46
N LEU A 85 24.07 -13.49 4.20
CA LEU A 85 24.27 -14.90 3.88
C LEU A 85 25.70 -15.36 4.15
N GLY A 86 26.64 -14.41 4.14
CA GLY A 86 28.03 -14.71 4.42
C GLY A 86 28.78 -15.28 3.23
N VAL A 87 28.16 -15.22 2.05
CA VAL A 87 28.77 -15.75 0.84
C VAL A 87 28.88 -14.68 -0.24
N GLY A 88 29.48 -15.04 -1.37
CA GLY A 88 29.57 -14.14 -2.50
C GLY A 88 28.23 -14.05 -3.21
N GLN A 89 28.09 -13.08 -4.10
CA GLN A 89 26.81 -12.83 -4.76
C GLN A 89 26.33 -13.99 -5.63
N GLU A 90 27.26 -14.74 -6.20
CA GLU A 90 26.91 -15.88 -7.04
C GLU A 90 26.30 -17.00 -6.19
N ASP A 91 26.96 -17.31 -5.07
CA ASP A 91 26.48 -18.31 -4.16
C ASP A 91 25.14 -17.88 -3.56
N ALA A 92 25.01 -16.60 -3.28
CA ALA A 92 23.78 -16.07 -2.71
C ALA A 92 22.66 -16.21 -3.71
N GLU A 93 22.98 -16.01 -4.98
CA GLU A 93 21.99 -16.10 -6.04
C GLU A 93 21.48 -17.53 -6.18
N ARG A 94 22.42 -18.47 -6.35
CA ARG A 94 22.01 -19.86 -6.55
C ARG A 94 21.33 -20.47 -5.32
N TRP A 95 21.75 -20.04 -4.13
CA TRP A 95 21.14 -20.55 -2.91
C TRP A 95 19.73 -19.99 -2.67
N LEU A 96 19.56 -18.69 -2.90
CA LEU A 96 18.23 -18.10 -2.79
C LEU A 96 17.29 -18.72 -3.82
N ALA A 97 17.82 -18.99 -5.00
CA ALA A 97 17.04 -19.66 -6.04
C ALA A 97 16.68 -21.06 -5.59
N PHE A 98 17.59 -21.70 -4.86
CA PHE A 98 17.35 -23.05 -4.35
C PHE A 98 16.24 -23.10 -3.31
N PHE A 99 16.20 -22.10 -2.44
CA PHE A 99 15.16 -22.06 -1.41
C PHE A 99 13.81 -21.75 -2.06
N ALA A 100 13.81 -20.75 -2.92
CA ALA A 100 12.57 -20.31 -3.57
C ALA A 100 12.00 -21.42 -4.43
N GLY A 101 12.87 -22.20 -5.06
CA GLY A 101 12.41 -23.34 -5.83
C GLY A 101 12.03 -24.48 -4.91
N GLY A 102 12.57 -24.45 -3.70
CA GLY A 102 12.31 -25.49 -2.71
C GLY A 102 11.04 -25.23 -1.95
N HIS A 103 10.35 -24.14 -2.28
CA HIS A 103 9.12 -23.77 -1.59
C HIS A 103 8.00 -24.82 -1.64
N ASP A 104 7.93 -25.60 -2.73
CA ASP A 104 6.82 -26.53 -2.92
C ASP A 104 7.19 -27.99 -2.74
N ILE A 105 8.27 -28.24 -2.01
CA ILE A 105 8.77 -29.60 -1.81
C ILE A 105 7.75 -30.50 -1.09
N GLY A 106 6.86 -29.87 -0.31
CA GLY A 106 5.87 -30.61 0.45
C GLY A 106 4.74 -31.12 -0.43
N LYS A 107 4.65 -30.61 -1.65
CA LYS A 107 3.69 -31.11 -2.63
C LYS A 107 4.00 -32.56 -2.98
N ALA A 108 5.25 -32.96 -2.80
CA ALA A 108 5.67 -34.35 -2.98
C ALA A 108 5.31 -35.16 -1.73
N SER A 109 4.03 -35.19 -1.41
CA SER A 109 3.51 -35.94 -0.28
C SER A 109 2.23 -36.64 -0.72
N PRO A 110 1.87 -37.76 -0.06
CA PRO A 110 0.61 -38.42 -0.41
C PRO A 110 -0.60 -37.50 -0.23
N ALA A 111 -0.54 -36.64 0.78
CA ALA A 111 -1.65 -35.76 1.11
C ALA A 111 -1.98 -34.77 0.00
N PHE A 112 -0.95 -34.29 -0.71
CA PHE A 112 -1.16 -33.34 -1.79
C PHE A 112 -1.39 -34.04 -3.13
N GLN A 113 -0.66 -35.12 -3.37
CA GLN A 113 -0.80 -35.85 -4.63
C GLN A 113 -2.17 -36.49 -4.75
N LEU A 114 -2.76 -36.83 -3.60
CA LEU A 114 -4.10 -37.42 -3.60
C LEU A 114 -5.22 -36.38 -3.52
N GLN A 115 -4.84 -35.10 -3.51
CA GLN A 115 -5.82 -34.01 -3.48
C GLN A 115 -6.62 -33.92 -4.77
N LEU A 116 -6.12 -34.55 -5.82
CA LEU A 116 -6.69 -34.42 -7.16
C LEU A 116 -8.16 -34.82 -7.25
N ARG A 117 -8.89 -34.08 -8.06
CA ARG A 117 -10.31 -34.33 -8.30
C ARG A 117 -10.49 -35.65 -9.05
N PRO A 118 -11.43 -36.48 -8.57
CA PRO A 118 -11.73 -37.77 -9.19
C PRO A 118 -12.16 -37.60 -10.64
N GLU A 119 -12.84 -36.50 -10.93
CA GLU A 119 -13.25 -36.19 -12.30
C GLU A 119 -12.07 -35.90 -13.21
N GLN A 120 -10.93 -35.56 -12.61
CA GLN A 120 -9.73 -35.25 -13.38
C GLN A 120 -8.55 -36.20 -13.12
N GLY A 121 -8.79 -37.49 -13.25
CA GLY A 121 -7.72 -38.48 -13.30
C GLY A 121 -6.95 -38.76 -12.02
N ARG A 122 -7.60 -38.61 -10.88
CA ARG A 122 -6.95 -38.87 -9.60
C ARG A 122 -6.48 -40.32 -9.48
N GLU A 123 -7.26 -41.23 -10.07
CA GLU A 123 -6.90 -42.64 -10.07
C GLU A 123 -5.64 -42.91 -10.87
N LEU A 124 -5.42 -42.12 -11.93
CA LEU A 124 -4.23 -42.27 -12.74
C LEU A 124 -2.97 -41.92 -11.94
N VAL A 125 -3.06 -40.83 -11.18
CA VAL A 125 -1.96 -40.42 -10.32
C VAL A 125 -1.78 -41.44 -9.20
N ALA A 126 -2.88 -42.06 -8.77
CA ALA A 126 -2.82 -43.06 -7.73
C ALA A 126 -2.04 -44.30 -8.20
N ARG A 127 -2.40 -44.80 -9.38
CA ARG A 127 -1.69 -45.93 -9.96
C ARG A 127 -0.24 -45.59 -10.29
N ARG A 128 -0.02 -44.33 -10.69
CA ARG A 128 1.32 -43.89 -11.01
C ARG A 128 2.23 -43.86 -9.78
N LEU A 129 1.67 -43.44 -8.65
CA LEU A 129 2.41 -43.44 -7.40
C LEU A 129 2.61 -44.86 -6.89
N ARG A 130 1.59 -45.69 -7.05
CA ARG A 130 1.64 -47.07 -6.60
C ARG A 130 2.66 -47.88 -7.39
N ASP A 131 2.83 -47.55 -8.66
CA ASP A 131 3.82 -48.21 -9.49
C ASP A 131 5.23 -47.93 -9.00
N ALA A 132 5.43 -46.73 -8.46
CA ALA A 132 6.71 -46.38 -7.87
C ALA A 132 6.96 -47.16 -6.59
N GLY A 133 5.88 -47.57 -5.93
CA GLY A 133 5.96 -48.26 -4.66
C GLY A 133 5.68 -47.36 -3.47
N LEU A 134 5.22 -46.14 -3.73
CA LEU A 134 4.84 -45.21 -2.67
C LEU A 134 3.55 -45.62 -1.96
N PRO A 135 3.59 -45.73 -0.63
CA PRO A 135 2.40 -45.99 0.18
C PRO A 135 1.38 -44.86 0.08
N LEU A 136 0.09 -45.19 0.10
CA LEU A 136 -0.96 -44.18 0.02
C LEU A 136 -1.68 -43.98 1.35
N PHE A 137 -2.08 -42.73 1.60
CA PHE A 137 -2.81 -42.38 2.83
C PHE A 137 -3.84 -41.29 2.54
N ASN A 138 -4.97 -41.33 3.25
CA ASN A 138 -6.03 -40.36 3.05
C ASN A 138 -5.92 -39.09 3.90
N ALA A 139 -4.89 -39.02 4.74
CA ALA A 139 -4.68 -37.86 5.60
C ALA A 139 -4.37 -36.60 4.79
N ARG A 140 -4.81 -35.44 5.28
CA ARG A 140 -4.64 -34.18 4.57
C ARG A 140 -3.91 -33.12 5.39
N ALA A 141 -2.90 -32.51 4.78
CA ALA A 141 -2.21 -31.37 5.39
C ALA A 141 -1.87 -30.33 4.32
N PRO A 142 -1.81 -29.04 4.70
CA PRO A 142 -1.37 -28.02 3.75
C PRO A 142 0.05 -28.30 3.27
N HIS A 143 0.34 -28.09 1.99
CA HIS A 143 1.65 -28.48 1.46
C HIS A 143 2.82 -27.63 1.97
N GLY A 144 2.56 -26.37 2.32
CA GLY A 144 3.63 -25.51 2.79
C GLY A 144 4.13 -25.89 4.16
N THR A 145 3.22 -26.32 5.03
CA THR A 145 3.60 -26.77 6.36
C THR A 145 4.44 -28.04 6.24
N ILE A 146 4.07 -28.88 5.27
CA ILE A 146 4.83 -30.08 4.98
C ILE A 146 6.21 -29.71 4.47
N SER A 147 6.27 -28.64 3.68
CA SER A 147 7.53 -28.19 3.12
C SER A 147 8.46 -27.71 4.23
N ALA A 148 7.88 -27.06 5.22
CA ALA A 148 8.68 -26.64 6.38
C ALA A 148 9.16 -27.87 7.14
N ASN A 149 8.25 -28.83 7.30
CA ASN A 149 8.53 -30.04 8.07
C ASN A 149 9.65 -30.87 7.47
N VAL A 150 9.73 -30.91 6.14
CA VAL A 150 10.80 -31.66 5.50
C VAL A 150 12.09 -30.84 5.39
N LEU A 151 11.96 -29.57 5.01
CA LEU A 151 13.15 -28.74 4.83
C LEU A 151 13.92 -28.49 6.12
N GLU A 152 13.22 -28.46 7.24
CA GLU A 152 13.86 -28.16 8.52
C GLU A 152 14.89 -29.22 8.90
N THR A 153 14.71 -30.43 8.36
CA THR A 153 15.65 -31.52 8.59
C THR A 153 16.57 -31.74 7.38
N VAL A 154 15.97 -31.79 6.21
CA VAL A 154 16.70 -32.09 4.97
C VAL A 154 17.76 -31.04 4.63
N LEU A 155 17.49 -29.77 4.95
CA LEU A 155 18.44 -28.71 4.64
C LEU A 155 19.71 -28.83 5.47
N ALA A 156 19.60 -29.49 6.61
CA ALA A 156 20.74 -29.66 7.52
C ALA A 156 21.46 -30.99 7.30
N ASP A 157 20.70 -32.08 7.35
CA ASP A 157 21.29 -33.42 7.28
C ASP A 157 21.95 -33.74 5.94
N VAL A 158 21.49 -33.09 4.87
CA VAL A 158 22.05 -33.33 3.55
C VAL A 158 22.89 -32.16 3.05
N PHE A 159 22.30 -30.97 3.07
CA PHE A 159 22.92 -29.79 2.47
C PHE A 159 23.89 -29.04 3.38
N GLY A 160 24.02 -29.48 4.63
CA GLY A 160 25.08 -28.98 5.50
C GLY A 160 24.85 -27.63 6.15
N LEU A 161 23.65 -27.10 6.04
CA LEU A 161 23.29 -25.85 6.73
C LEU A 161 23.15 -26.10 8.23
N SER A 162 23.39 -25.07 9.02
CA SER A 162 23.19 -25.15 10.46
C SER A 162 21.70 -25.30 10.74
N GLY A 163 21.36 -25.90 11.88
CA GLY A 163 19.98 -26.22 12.19
C GLY A 163 19.09 -24.99 12.28
N ARG A 164 19.66 -23.88 12.73
CA ARG A 164 18.91 -22.63 12.79
C ARG A 164 18.57 -22.09 11.40
N SER A 165 19.56 -22.12 10.50
CA SER A 165 19.34 -21.67 9.13
C SER A 165 18.34 -22.57 8.43
N ALA A 166 18.40 -23.86 8.75
CA ALA A 166 17.50 -24.83 8.14
C ALA A 166 16.07 -24.59 8.60
N ARG A 167 15.90 -24.38 9.90
CA ARG A 167 14.58 -24.13 10.46
C ARG A 167 14.00 -22.81 9.95
N TRP A 168 14.88 -21.81 9.79
CA TRP A 168 14.46 -20.49 9.34
C TRP A 168 14.00 -20.51 7.89
N VAL A 169 14.83 -21.11 7.04
CA VAL A 169 14.48 -21.23 5.63
C VAL A 169 13.23 -22.09 5.48
N ALA A 170 13.10 -23.10 6.34
CA ALA A 170 11.95 -24.00 6.27
C ALA A 170 10.64 -23.29 6.58
N PHE A 171 10.62 -22.54 7.69
CA PHE A 171 9.39 -21.83 8.06
C PHE A 171 9.07 -20.71 7.08
N ALA A 172 10.10 -19.97 6.67
CA ALA A 172 9.90 -18.85 5.76
C ALA A 172 9.35 -19.33 4.43
N VAL A 173 10.00 -20.36 3.87
CA VAL A 173 9.57 -20.94 2.61
C VAL A 173 8.20 -21.61 2.73
N GLY A 174 7.89 -22.12 3.92
CA GLY A 174 6.63 -22.80 4.15
C GLY A 174 5.49 -21.82 4.38
N GLY A 175 5.84 -20.55 4.56
CA GLY A 175 4.84 -19.52 4.76
C GLY A 175 4.30 -18.89 3.49
N HIS A 176 4.72 -19.39 2.33
CA HIS A 176 4.51 -18.69 1.06
C HIS A 176 3.06 -18.47 0.62
N HIS A 177 2.13 -19.29 1.11
CA HIS A 177 0.73 -19.13 0.71
C HIS A 177 -0.07 -18.10 1.53
N GLY A 178 0.56 -17.52 2.55
CA GLY A 178 -0.10 -16.49 3.33
C GLY A 178 0.53 -16.19 4.67
N PHE A 179 0.79 -17.25 5.45
CA PHE A 179 1.32 -17.07 6.80
C PHE A 179 2.42 -18.08 7.09
N VAL A 180 3.42 -17.66 7.86
CA VAL A 180 4.42 -18.59 8.35
C VAL A 180 3.75 -19.54 9.33
N PRO A 181 4.03 -20.84 9.19
CA PRO A 181 3.41 -21.85 10.05
C PRO A 181 3.79 -21.67 11.51
N SER A 182 2.86 -21.96 12.42
CA SER A 182 3.17 -21.96 13.84
C SER A 182 4.03 -23.17 14.15
N TYR A 183 4.81 -23.09 15.22
CA TYR A 183 5.75 -24.14 15.57
C TYR A 183 5.04 -25.48 15.80
N ASP A 184 3.86 -25.41 16.40
CA ASP A 184 3.06 -26.61 16.64
C ASP A 184 2.49 -27.21 15.36
N GLU A 185 2.23 -26.39 14.36
CA GLU A 185 1.70 -26.86 13.08
C GLU A 185 2.71 -27.76 12.38
N VAL A 186 3.99 -27.44 12.56
CA VAL A 186 5.06 -28.19 11.91
C VAL A 186 5.56 -29.35 12.75
N ARG A 187 5.67 -29.14 14.07
CA ARG A 187 6.34 -30.11 14.92
C ARG A 187 5.48 -30.67 16.06
N ARG A 188 4.18 -30.82 15.81
CA ARG A 188 3.28 -31.37 16.82
C ARG A 188 2.02 -31.98 16.22
N ASP A 189 1.18 -31.12 15.64
CA ASP A 189 -0.11 -31.54 15.12
C ASP A 189 -0.03 -32.23 13.75
N LEU A 190 1.12 -32.13 13.10
CA LEU A 190 1.25 -32.65 11.74
C LEU A 190 1.28 -34.18 11.68
N ASP A 191 0.35 -34.75 10.93
CA ASP A 191 0.28 -36.20 10.75
C ASP A 191 1.47 -36.70 9.96
N GLN A 192 2.07 -37.80 10.43
CA GLN A 192 3.15 -38.44 9.68
C GLN A 192 2.66 -39.12 8.40
N GLN A 193 1.41 -39.58 8.40
CA GLN A 193 0.82 -40.20 7.22
C GLN A 193 0.59 -39.20 6.10
N ALA A 194 0.44 -37.93 6.45
CA ALA A 194 0.23 -36.87 5.47
C ALA A 194 1.52 -36.55 4.73
N VAL A 195 2.61 -36.41 5.49
CA VAL A 195 3.92 -36.11 4.92
C VAL A 195 4.49 -37.33 4.21
N GLY A 196 4.28 -38.50 4.82
CA GLY A 196 4.87 -39.73 4.32
C GLY A 196 6.28 -39.89 4.88
N TRP A 197 6.87 -41.05 4.65
CA TRP A 197 8.23 -41.33 5.13
C TRP A 197 8.85 -42.46 4.32
N GLY A 198 10.14 -42.67 4.51
CA GLY A 198 10.85 -43.73 3.80
C GLY A 198 10.99 -43.42 2.33
N MSE A 199 10.15 -44.04 1.51
CA MSE A 199 10.20 -43.85 0.07
C MSE A 199 9.91 -42.40 -0.33
O MSE A 199 10.51 -41.88 -1.27
CB MSE A 199 9.18 -44.78 -0.60
CG MSE A 199 9.82 -45.99 -1.27
SE MSE A 199 10.33 -45.58 -3.11
CE MSE A 199 8.55 -45.46 -3.89
N TRP A 200 9.00 -41.76 0.40
CA TRP A 200 8.67 -40.36 0.13
C TRP A 200 9.86 -39.45 0.44
N ASP A 201 10.59 -39.81 1.50
CA ASP A 201 11.77 -39.04 1.89
C ASP A 201 12.85 -39.17 0.82
N ALA A 202 13.00 -40.37 0.27
CA ALA A 202 13.95 -40.59 -0.80
C ALA A 202 13.54 -39.83 -2.05
N ALA A 203 12.23 -39.72 -2.27
CA ALA A 203 11.72 -39.01 -3.43
C ALA A 203 12.02 -37.52 -3.32
N ARG A 204 11.71 -36.93 -2.17
CA ARG A 204 11.98 -35.52 -1.97
C ARG A 204 13.48 -35.23 -1.97
N GLU A 205 14.27 -36.19 -1.47
CA GLU A 205 15.72 -36.04 -1.47
C GLU A 205 16.24 -36.04 -2.89
N VAL A 206 15.60 -36.84 -3.74
CA VAL A 206 15.98 -36.91 -5.15
C VAL A 206 15.62 -35.61 -5.87
N LEU A 207 14.41 -35.11 -5.61
CA LEU A 207 13.94 -33.88 -6.24
C LEU A 207 14.82 -32.70 -5.84
N LEU A 208 15.10 -32.61 -4.55
CA LEU A 208 15.92 -31.51 -4.03
C LEU A 208 17.34 -31.59 -4.56
N CYS A 209 17.88 -32.81 -4.65
CA CYS A 209 19.24 -32.97 -5.18
C CYS A 209 19.32 -32.64 -6.67
N ARG A 210 18.26 -32.92 -7.42
CA ARG A 210 18.26 -32.60 -8.83
C ARG A 210 18.09 -31.10 -9.07
N LEU A 211 17.24 -30.47 -8.28
CA LEU A 211 17.05 -29.02 -8.38
C LEU A 211 18.34 -28.30 -7.99
N ALA A 212 19.04 -28.86 -6.99
CA ALA A 212 20.29 -28.29 -6.52
C ALA A 212 21.39 -28.45 -7.56
N ASP A 213 21.46 -29.62 -8.19
CA ASP A 213 22.44 -29.84 -9.24
C ASP A 213 22.17 -28.97 -10.45
N ALA A 214 20.89 -28.73 -10.73
CA ALA A 214 20.51 -27.84 -11.81
C ALA A 214 20.94 -26.40 -11.49
N LEU A 215 20.89 -26.07 -10.21
CA LEU A 215 21.34 -24.74 -9.77
C LEU A 215 22.84 -24.67 -9.49
N GLY A 216 23.50 -25.83 -9.53
CA GLY A 216 24.94 -25.87 -9.34
C GLY A 216 25.41 -25.65 -7.91
N LEU A 217 24.58 -26.02 -6.93
CA LEU A 217 24.93 -25.83 -5.53
C LEU A 217 26.24 -26.50 -5.09
N PRO A 218 26.44 -27.79 -5.43
CA PRO A 218 27.77 -28.34 -5.11
C PRO A 218 28.87 -27.65 -5.91
N GLY A 219 30.06 -27.47 -5.32
CA GLY A 219 30.27 -27.73 -3.91
C GLY A 219 30.49 -26.40 -3.20
N SER A 220 29.67 -25.42 -3.55
CA SER A 220 29.82 -24.05 -3.05
C SER A 220 29.59 -23.94 -1.54
N SER A 221 30.21 -22.93 -0.93
CA SER A 221 30.12 -22.74 0.52
C SER A 221 28.70 -22.49 1.01
N ARG A 222 28.37 -23.06 2.16
CA ARG A 222 27.03 -23.00 2.72
C ARG A 222 26.69 -21.63 3.31
N PRO A 223 25.57 -21.04 2.88
CA PRO A 223 25.02 -19.77 3.36
C PRO A 223 24.58 -19.81 4.83
N THR A 224 24.72 -18.69 5.53
CA THR A 224 24.18 -18.56 6.87
C THR A 224 22.85 -17.80 6.81
N VAL A 225 21.77 -18.44 7.25
CA VAL A 225 20.44 -17.82 7.23
C VAL A 225 19.86 -17.79 8.65
N GLU A 226 20.55 -17.11 9.55
CA GLU A 226 20.13 -17.07 10.95
C GLU A 226 19.49 -15.75 11.37
N SER A 227 19.44 -14.78 10.45
CA SER A 227 18.82 -13.49 10.74
C SER A 227 17.31 -13.55 10.51
N THR A 228 16.55 -13.40 11.59
CA THR A 228 15.09 -13.52 11.52
C THR A 228 14.36 -12.56 10.57
N PRO A 229 14.59 -11.23 10.68
CA PRO A 229 13.89 -10.32 9.76
C PRO A 229 14.17 -10.59 8.29
N ASP A 230 15.41 -10.99 7.99
CA ASP A 230 15.82 -11.21 6.60
C ASP A 230 15.13 -12.43 6.02
N ALA A 231 15.05 -13.49 6.81
CA ALA A 231 14.33 -14.69 6.40
C ALA A 231 12.86 -14.34 6.23
N PHE A 232 12.39 -13.44 7.08
CA PHE A 232 10.98 -13.07 7.06
C PHE A 232 10.61 -12.38 5.75
N MSE A 233 11.39 -11.38 5.33
CA MSE A 233 11.12 -10.75 4.04
C MSE A 233 11.43 -11.68 2.85
O MSE A 233 10.79 -11.60 1.78
CB MSE A 233 11.87 -9.42 3.91
CG MSE A 233 13.38 -9.54 3.94
SE MSE A 233 14.20 -8.90 2.29
CE MSE A 233 16.07 -9.18 2.75
N LEU A 234 12.38 -12.58 3.06
CA LEU A 234 12.74 -13.55 2.02
C LEU A 234 11.55 -14.46 1.73
N ALA A 235 10.72 -14.70 2.73
CA ALA A 235 9.48 -15.44 2.52
C ALA A 235 8.58 -14.70 1.52
N GLY A 236 8.62 -13.38 1.58
CA GLY A 236 7.84 -12.57 0.66
C GLY A 236 8.41 -12.66 -0.74
N LEU A 237 9.74 -12.72 -0.83
CA LEU A 237 10.36 -12.91 -2.13
C LEU A 237 9.93 -14.24 -2.75
N VAL A 238 9.88 -15.28 -1.91
CA VAL A 238 9.46 -16.59 -2.38
C VAL A 238 7.99 -16.60 -2.83
N SER A 239 7.15 -15.84 -2.13
CA SER A 239 5.75 -15.75 -2.50
C SER A 239 5.60 -15.10 -3.87
N VAL A 240 6.31 -13.99 -4.06
CA VAL A 240 6.24 -13.28 -5.33
C VAL A 240 6.75 -14.16 -6.47
N ALA A 241 7.79 -14.93 -6.18
CA ALA A 241 8.35 -15.83 -7.19
C ALA A 241 7.35 -16.91 -7.60
N ASP A 242 6.66 -17.48 -6.63
CA ASP A 242 5.65 -18.49 -6.94
C ASP A 242 4.52 -17.87 -7.74
N TRP A 243 4.21 -16.61 -7.45
CA TRP A 243 3.18 -15.91 -8.22
C TRP A 243 3.60 -15.75 -9.67
N ILE A 244 4.87 -15.41 -9.88
CA ILE A 244 5.38 -15.25 -11.24
C ILE A 244 5.35 -16.58 -11.98
N GLY A 245 5.59 -17.67 -11.25
CA GLY A 245 5.59 -18.98 -11.87
C GLY A 245 4.20 -19.53 -12.09
N SER A 246 3.22 -18.90 -11.44
CA SER A 246 1.83 -19.35 -11.55
C SER A 246 1.09 -18.87 -12.80
N ASN A 247 1.71 -17.98 -13.57
CA ASN A 247 1.09 -17.51 -14.80
C ASN A 247 1.29 -18.52 -15.94
N GLU A 248 0.19 -19.13 -16.37
CA GLU A 248 0.23 -20.17 -17.39
C GLU A 248 0.62 -19.63 -18.77
N GLU A 249 0.36 -18.35 -19.01
CA GLU A 249 0.71 -17.74 -20.29
C GLU A 249 2.23 -17.71 -20.51
N TYR A 250 2.97 -17.53 -19.42
CA TYR A 250 4.43 -17.51 -19.51
C TYR A 250 5.06 -18.82 -19.06
N PHE A 251 4.29 -19.62 -18.32
CA PHE A 251 4.76 -20.92 -17.86
C PHE A 251 3.73 -22.00 -18.15
N PRO A 252 3.62 -22.42 -19.43
CA PRO A 252 2.71 -23.48 -19.86
C PRO A 252 3.07 -24.81 -19.21
N TYR A 253 2.07 -25.63 -18.90
CA TYR A 253 2.32 -26.91 -18.26
C TYR A 253 3.06 -27.86 -19.19
N ALA A 254 4.09 -28.53 -18.65
CA ALA A 254 4.95 -29.40 -19.46
C ALA A 254 4.26 -30.65 -20.01
N ALA A 255 3.33 -31.22 -19.24
CA ALA A 255 2.65 -32.42 -19.67
C ALA A 255 1.40 -32.08 -20.48
N GLN A 256 1.26 -32.72 -21.63
CA GLN A 256 0.14 -32.44 -22.52
C GLN A 256 -1.14 -33.19 -22.13
N SER A 257 -1.00 -34.20 -21.28
CA SER A 257 -2.15 -34.98 -20.84
C SER A 257 -1.82 -35.76 -19.56
N ALA A 258 -2.86 -36.12 -18.82
CA ALA A 258 -2.70 -36.84 -17.57
C ALA A 258 -2.10 -38.23 -17.81
N LEU A 259 -2.33 -38.77 -19.00
CA LEU A 259 -1.92 -40.13 -19.33
C LEU A 259 -0.42 -40.36 -19.32
N GLN A 260 0.36 -39.34 -19.66
CA GLN A 260 1.79 -39.54 -19.86
C GLN A 260 2.69 -38.57 -19.08
N VAL A 261 3.79 -39.11 -18.58
CA VAL A 261 4.82 -38.35 -17.89
C VAL A 261 5.91 -37.91 -18.88
N PRO A 262 6.16 -36.60 -18.97
CA PRO A 262 7.18 -36.07 -19.88
C PRO A 262 8.59 -36.55 -19.54
N GLN A 263 9.40 -36.78 -20.56
CA GLN A 263 10.82 -37.08 -20.37
C GLN A 263 11.63 -35.81 -20.59
N LEU A 264 12.24 -35.28 -19.53
CA LEU A 264 12.87 -33.97 -19.61
C LEU A 264 14.28 -33.92 -19.06
N ASP A 265 15.11 -33.08 -19.69
CA ASP A 265 16.42 -32.73 -19.13
C ASP A 265 16.24 -31.47 -18.30
N ALA A 266 16.63 -31.53 -17.03
CA ALA A 266 16.36 -30.44 -16.10
C ALA A 266 17.06 -29.13 -16.47
N GLU A 267 18.23 -29.22 -17.07
CA GLU A 267 19.03 -28.03 -17.38
C GLU A 267 18.48 -27.23 -18.57
N ALA A 268 18.12 -27.93 -19.64
CA ALA A 268 17.55 -27.27 -20.80
C ALA A 268 16.21 -26.64 -20.41
N TYR A 269 15.47 -27.35 -19.58
CA TYR A 269 14.22 -26.81 -19.08
C TYR A 269 14.48 -25.59 -18.21
N LEU A 270 15.58 -25.60 -17.47
CA LEU A 270 15.93 -24.45 -16.66
C LEU A 270 16.25 -23.25 -17.52
N GLU A 271 16.86 -23.49 -18.67
CA GLU A 271 17.19 -22.40 -19.60
C GLU A 271 15.91 -21.80 -20.16
N ARG A 272 15.01 -22.67 -20.62
CA ARG A 272 13.74 -22.19 -21.16
C ARG A 272 12.93 -21.48 -20.08
N ALA A 273 13.03 -21.97 -18.85
CA ALA A 273 12.35 -21.37 -17.71
C ALA A 273 12.91 -20.00 -17.40
N MSE A 274 14.20 -19.81 -17.64
CA MSE A 274 14.84 -18.54 -17.41
C MSE A 274 14.42 -17.52 -18.46
O MSE A 274 14.10 -16.36 -18.12
CB MSE A 274 16.36 -18.68 -17.39
CG MSE A 274 16.90 -19.32 -16.13
SE MSE A 274 18.82 -19.61 -16.22
CE MSE A 274 19.40 -17.76 -16.43
N ARG A 275 14.39 -17.93 -19.72
CA ARG A 275 13.93 -17.01 -20.76
C ARG A 275 12.46 -16.64 -20.55
N GLN A 276 11.66 -17.62 -20.14
CA GLN A 276 10.25 -17.38 -19.85
C GLN A 276 10.09 -16.44 -18.66
N ALA A 277 10.98 -16.56 -17.68
CA ALA A 277 10.95 -15.69 -16.51
C ALA A 277 11.28 -14.27 -16.94
N GLU A 278 12.22 -14.14 -17.86
CA GLU A 278 12.63 -12.84 -18.36
C GLU A 278 11.49 -12.16 -19.09
N ARG A 279 10.79 -12.92 -19.93
CA ARG A 279 9.64 -12.38 -20.65
C ARG A 279 8.51 -11.99 -19.70
N ALA A 280 8.26 -12.85 -18.72
CA ALA A 280 7.16 -12.64 -17.79
C ALA A 280 7.37 -11.39 -16.95
N MSE A 281 8.57 -11.28 -16.37
CA MSE A 281 8.88 -10.09 -15.59
C MSE A 281 9.02 -8.84 -16.45
O MSE A 281 8.79 -7.73 -15.98
CB MSE A 281 10.13 -10.32 -14.73
CG MSE A 281 9.94 -11.43 -13.71
SE MSE A 281 11.33 -11.41 -12.35
CE MSE A 281 12.85 -11.10 -13.52
N ALA A 282 9.41 -9.02 -17.71
CA ALA A 282 9.47 -7.90 -18.63
C ALA A 282 8.07 -7.34 -18.88
N SER A 283 7.08 -8.23 -18.90
CA SER A 283 5.70 -7.80 -19.08
C SER A 283 5.21 -6.97 -17.90
N LEU A 284 5.77 -7.24 -16.73
CA LEU A 284 5.39 -6.54 -15.51
C LEU A 284 6.08 -5.19 -15.36
N GLY A 285 7.06 -4.94 -16.24
CA GLY A 285 7.79 -3.69 -16.21
C GLY A 285 8.78 -3.57 -15.06
N TRP A 286 9.33 -4.70 -14.64
CA TRP A 286 10.34 -4.68 -13.58
C TRP A 286 11.74 -4.48 -14.17
N VAL A 287 11.92 -4.93 -15.41
CA VAL A 287 13.14 -4.65 -16.16
C VAL A 287 12.88 -3.50 -17.14
N GLY A 288 13.90 -2.70 -17.45
CA GLY A 288 15.20 -2.78 -16.81
C GLY A 288 15.64 -1.39 -16.41
N TRP A 289 15.51 -1.08 -15.12
CA TRP A 289 15.76 0.27 -14.63
C TRP A 289 17.24 0.56 -14.40
N ARG A 290 17.97 0.79 -15.49
CA ARG A 290 19.36 1.18 -15.40
C ARG A 290 19.44 2.60 -14.88
N PRO A 291 20.16 2.79 -13.77
CA PRO A 291 20.30 4.12 -13.13
C PRO A 291 20.90 5.16 -14.07
N ALA A 292 21.80 4.72 -14.96
CA ALA A 292 22.39 5.58 -15.98
C ALA A 292 23.09 6.82 -15.42
N SER A 293 23.82 6.65 -14.32
CA SER A 293 24.61 7.74 -13.74
C SER A 293 25.74 8.15 -14.67
N GLY A 294 26.05 9.45 -14.75
CA GLY A 294 25.26 10.48 -14.08
C GLY A 294 25.79 10.95 -12.73
N SER A 295 25.45 12.19 -12.40
CA SER A 295 25.80 12.83 -11.13
C SER A 295 25.09 14.18 -11.09
N MSE A 296 23.81 14.17 -11.43
CA MSE A 296 23.05 15.36 -11.76
C MSE A 296 22.73 16.30 -10.59
O MSE A 296 22.60 15.88 -9.45
CB MSE A 296 21.75 14.98 -12.48
CG MSE A 296 21.98 14.00 -13.62
SE MSE A 296 20.33 13.54 -14.56
CE MSE A 296 19.92 15.29 -15.32
N ARG A 297 22.62 17.60 -10.92
CA ARG A 297 22.21 18.63 -9.96
C ARG A 297 20.71 18.88 -9.98
N LEU A 298 20.22 19.58 -8.98
CA LEU A 298 18.78 19.77 -8.77
C LEU A 298 18.09 20.54 -9.91
N THR A 299 18.79 21.51 -10.50
CA THR A 299 18.22 22.28 -11.59
C THR A 299 18.06 21.45 -12.86
N GLU A 300 18.87 20.41 -12.98
CA GLU A 300 18.85 19.55 -14.15
C GLU A 300 17.67 18.58 -14.12
N LEU A 301 17.42 18.00 -12.94
CA LEU A 301 16.32 17.05 -12.75
C LEU A 301 14.96 17.73 -12.89
N PHE A 302 14.92 19.02 -12.59
CA PHE A 302 13.67 19.76 -12.56
C PHE A 302 13.79 21.08 -13.34
N PRO A 303 13.63 21.00 -14.67
CA PRO A 303 13.83 22.16 -15.56
C PRO A 303 12.94 23.34 -15.18
N TYR A 304 11.74 23.06 -14.66
CA TYR A 304 10.81 24.14 -14.33
C TYR A 304 11.29 25.08 -13.21
N ILE A 305 12.17 24.58 -12.33
CA ILE A 305 12.74 25.47 -11.31
C ILE A 305 14.03 26.15 -11.76
N ARG A 306 14.04 27.48 -11.64
CA ARG A 306 15.21 28.28 -11.95
C ARG A 306 16.09 28.39 -10.71
N GLN A 307 15.57 29.02 -9.66
CA GLN A 307 16.31 29.19 -8.41
C GLN A 307 15.72 28.35 -7.29
N PRO A 308 16.46 27.34 -6.82
CA PRO A 308 15.98 26.39 -5.82
C PRO A 308 15.60 27.03 -4.49
N THR A 309 14.57 26.51 -3.85
CA THR A 309 14.14 26.98 -2.54
C THR A 309 15.16 26.58 -1.49
N THR A 310 15.17 27.31 -0.37
CA THR A 310 16.19 27.12 0.65
C THR A 310 16.22 25.71 1.22
N VAL A 311 15.04 25.08 1.32
CA VAL A 311 14.97 23.70 1.77
C VAL A 311 15.63 22.77 0.76
N GLN A 312 15.44 23.07 -0.52
CA GLN A 312 16.08 22.30 -1.59
C GLN A 312 17.59 22.54 -1.61
N ALA A 313 18.01 23.71 -1.16
CA ALA A 313 19.44 24.03 -1.08
C ALA A 313 20.10 23.25 0.05
N ALA A 314 19.44 23.24 1.19
CA ALA A 314 19.93 22.48 2.34
C ALA A 314 19.92 20.99 2.04
N ALA A 315 18.94 20.56 1.25
CA ALA A 315 18.87 19.18 0.83
C ALA A 315 19.98 18.83 -0.14
N GLU A 316 20.29 19.77 -1.04
CA GLU A 316 21.37 19.59 -2.01
C GLU A 316 22.71 19.51 -1.28
N GLU A 317 22.84 20.26 -0.19
CA GLU A 317 24.06 20.21 0.60
C GLU A 317 24.16 18.91 1.39
N LEU A 318 23.02 18.45 1.91
CA LEU A 318 22.97 17.20 2.64
C LEU A 318 23.24 15.99 1.73
N ALA A 319 22.92 16.15 0.45
CA ALA A 319 22.95 15.03 -0.50
C ALA A 319 24.34 14.45 -0.69
N GLY A 320 25.36 15.27 -0.52
CA GLY A 320 26.73 14.82 -0.72
C GLY A 320 27.29 14.03 0.45
N GLU A 321 26.59 14.03 1.58
CA GLU A 321 27.10 13.39 2.79
C GLU A 321 26.26 12.22 3.32
N VAL A 322 25.21 11.84 2.61
CA VAL A 322 24.31 10.78 3.08
C VAL A 322 24.93 9.38 3.06
N LYS A 323 24.57 8.57 4.05
CA LYS A 323 25.04 7.19 4.16
C LYS A 323 23.98 6.21 3.63
N SER A 324 24.40 4.97 3.36
CA SER A 324 23.52 3.96 2.74
C SER A 324 22.22 3.66 3.51
N PRO A 325 22.30 3.40 4.83
CA PRO A 325 21.02 3.33 5.54
C PRO A 325 20.82 4.51 6.50
N SER A 326 19.87 5.39 6.19
CA SER A 326 19.64 6.56 7.02
C SER A 326 18.23 7.11 6.88
N ILE A 327 17.73 7.72 7.94
CA ILE A 327 16.43 8.39 7.89
C ILE A 327 16.60 9.91 7.89
N THR A 328 15.82 10.58 7.04
CA THR A 328 15.83 12.03 6.97
C THR A 328 14.43 12.54 7.30
N ILE A 329 14.36 13.65 8.04
CA ILE A 329 13.08 14.27 8.34
C ILE A 329 13.09 15.73 7.92
N ILE A 330 12.37 16.02 6.84
CA ILE A 330 12.28 17.39 6.34
C ILE A 330 11.06 18.13 6.90
N GLU A 331 11.34 19.26 7.56
CA GLU A 331 10.29 20.11 8.12
C GLU A 331 10.38 21.51 7.52
N ALA A 332 9.53 21.77 6.55
CA ALA A 332 9.45 23.07 5.90
C ALA A 332 8.00 23.47 5.74
N PRO A 333 7.74 24.80 5.66
CA PRO A 333 6.37 25.29 5.46
C PRO A 333 5.81 24.79 4.13
N MSE A 334 4.50 24.55 4.10
CA MSE A 334 3.85 24.00 2.90
C MSE A 334 4.02 24.90 1.68
O MSE A 334 4.01 26.13 1.80
CB MSE A 334 2.37 23.77 3.18
CG MSE A 334 1.74 24.80 4.08
SE MSE A 334 1.79 24.32 5.97
CE MSE A 334 0.96 25.91 6.72
N GLY A 335 4.18 24.29 0.52
CA GLY A 335 4.37 25.02 -0.71
C GLY A 335 5.82 25.40 -0.96
N GLU A 336 6.71 24.97 -0.09
CA GLU A 336 8.13 25.28 -0.22
C GLU A 336 8.87 24.32 -1.14
N GLY A 337 8.15 23.30 -1.63
CA GLY A 337 8.73 22.34 -2.56
C GLY A 337 9.60 21.27 -1.95
N LYS A 338 9.15 20.70 -0.84
CA LYS A 338 9.89 19.63 -0.16
C LYS A 338 10.04 18.36 -1.01
N THR A 339 9.06 18.11 -1.87
CA THR A 339 9.05 16.86 -2.63
C THR A 339 10.22 16.75 -3.60
N GLU A 340 10.64 17.88 -4.17
CA GLU A 340 11.82 17.86 -5.03
C GLU A 340 13.09 17.55 -4.24
N ALA A 341 13.11 17.98 -2.98
CA ALA A 341 14.22 17.65 -2.10
C ALA A 341 14.24 16.17 -1.78
N ALA A 342 13.05 15.61 -1.56
CA ALA A 342 12.95 14.18 -1.27
C ALA A 342 13.37 13.34 -2.46
N MSE A 343 12.93 13.73 -3.65
CA MSE A 343 13.32 13.05 -4.87
C MSE A 343 14.81 13.23 -5.16
O MSE A 343 15.43 12.38 -5.78
CB MSE A 343 12.49 13.52 -6.05
CG MSE A 343 10.99 13.39 -5.84
SE MSE A 343 9.96 13.72 -7.45
CE MSE A 343 10.15 11.96 -8.26
N LEU A 344 15.36 14.34 -4.69
CA LEU A 344 16.78 14.58 -4.83
C LEU A 344 17.58 13.60 -3.98
N LEU A 345 17.19 13.45 -2.72
CA LEU A 345 17.86 12.51 -1.85
C LEU A 345 17.68 11.07 -2.35
N ALA A 346 16.51 10.79 -2.90
CA ALA A 346 16.25 9.46 -3.46
C ALA A 346 17.14 9.21 -4.67
N ASP A 347 17.37 10.25 -5.46
CA ASP A 347 18.23 10.16 -6.62
C ASP A 347 19.66 9.90 -6.20
N THR A 348 20.07 10.55 -5.11
CA THR A 348 21.40 10.33 -4.56
C THR A 348 21.55 8.90 -4.07
N PHE A 349 20.46 8.36 -3.52
CA PHE A 349 20.46 6.99 -3.02
C PHE A 349 20.59 5.98 -4.16
N SER A 350 19.78 6.16 -5.21
CA SER A 350 19.82 5.26 -6.34
C SER A 350 21.12 5.34 -7.15
N THR A 351 21.67 6.55 -7.24
CA THR A 351 22.88 6.75 -8.05
C THR A 351 24.17 6.41 -7.33
N ALA A 352 24.31 6.91 -6.10
CA ALA A 352 25.57 6.79 -5.38
C ALA A 352 25.61 5.66 -4.35
N HIS A 353 24.49 4.96 -4.18
CA HIS A 353 24.41 3.94 -3.14
C HIS A 353 23.73 2.65 -3.60
N GLY A 354 23.36 2.59 -4.87
CA GLY A 354 22.88 1.36 -5.48
C GLY A 354 21.45 0.98 -5.17
N MSE A 355 20.71 1.89 -4.55
CA MSE A 355 19.31 1.64 -4.25
C MSE A 355 18.41 2.19 -5.36
O MSE A 355 17.68 3.16 -5.15
CB MSE A 355 18.92 2.25 -2.90
CG MSE A 355 17.63 1.70 -2.31
SE MSE A 355 17.78 -0.16 -1.73
CE MSE A 355 19.15 0.05 -0.38
N SER A 356 18.46 1.56 -6.53
CA SER A 356 17.73 2.05 -7.70
C SER A 356 16.26 1.63 -7.66
N GLY A 357 15.49 2.29 -6.80
CA GLY A 357 14.07 2.03 -6.68
C GLY A 357 13.48 2.92 -5.61
N CYS A 358 12.19 3.24 -5.73
CA CYS A 358 11.55 4.13 -4.78
C CYS A 358 10.05 3.91 -4.70
N TYR A 359 9.50 4.07 -3.51
CA TYR A 359 8.05 4.06 -3.32
C TYR A 359 7.59 5.37 -2.70
N PHE A 360 6.75 6.10 -3.43
CA PHE A 360 6.24 7.38 -2.95
C PHE A 360 4.94 7.18 -2.19
N ALA A 361 5.03 7.23 -0.87
CA ALA A 361 3.88 6.95 0.00
C ALA A 361 3.01 8.19 0.20
N LEU A 362 1.93 8.27 -0.56
CA LEU A 362 0.99 9.37 -0.47
C LEU A 362 0.09 9.29 0.77
N PRO A 363 -0.39 10.46 1.23
CA PRO A 363 -1.34 10.56 2.35
C PRO A 363 -2.66 9.87 2.01
N THR A 364 -3.34 9.34 3.02
CA THR A 364 -4.45 8.41 2.82
C THR A 364 -5.59 8.96 1.95
N MSE A 365 -5.87 10.26 2.06
CA MSE A 365 -6.95 10.85 1.26
C MSE A 365 -6.53 11.21 -0.16
O MSE A 365 -7.36 11.49 -1.01
CB MSE A 365 -7.52 12.08 1.97
CG MSE A 365 -9.04 12.12 2.03
SE MSE A 365 -9.77 10.62 3.03
CE MSE A 365 -11.67 11.07 2.91
N ALA A 366 -5.22 11.20 -0.41
CA ALA A 366 -4.67 11.63 -1.70
C ALA A 366 -4.91 10.64 -2.84
N THR A 367 -5.13 11.19 -4.03
CA THR A 367 -5.08 10.41 -5.27
C THR A 367 -3.63 10.37 -5.78
N SER A 368 -3.28 9.32 -6.51
CA SER A 368 -1.92 9.19 -7.03
C SER A 368 -1.66 9.98 -8.31
N ASN A 369 -2.71 10.53 -8.91
CA ASN A 369 -2.61 11.08 -10.27
C ASN A 369 -1.62 12.23 -10.47
N GLN A 370 -1.76 13.29 -9.69
CA GLN A 370 -0.90 14.46 -9.88
C GLN A 370 0.56 14.17 -9.53
N MSE A 371 0.76 13.35 -8.50
CA MSE A 371 2.11 13.01 -8.07
C MSE A 371 2.85 12.17 -9.11
O MSE A 371 4.06 12.30 -9.30
CB MSE A 371 2.04 12.23 -6.75
CG MSE A 371 2.66 12.98 -5.60
SE MSE A 371 4.51 13.43 -5.96
CE MSE A 371 4.77 14.74 -4.54
N PHE A 372 2.09 11.32 -9.81
CA PHE A 372 2.68 10.39 -10.75
C PHE A 372 3.32 11.10 -11.94
N GLY A 373 2.75 12.25 -12.33
CA GLY A 373 3.31 13.01 -13.44
C GLY A 373 4.62 13.65 -13.05
N ARG A 374 4.71 14.10 -11.81
CA ARG A 374 5.94 14.72 -11.31
C ARG A 374 7.02 13.64 -11.21
N VAL A 375 6.62 12.47 -10.71
CA VAL A 375 7.54 11.35 -10.59
C VAL A 375 8.04 10.90 -11.96
N THR A 376 7.15 10.94 -12.94
CA THR A 376 7.52 10.55 -14.31
C THR A 376 8.50 11.55 -14.90
N ASP A 377 8.21 12.84 -14.70
CA ASP A 377 9.06 13.90 -15.21
C ASP A 377 10.46 13.86 -14.58
N TYR A 378 10.55 13.44 -13.32
CA TYR A 378 11.86 13.20 -12.74
C TYR A 378 12.52 11.96 -13.36
N LEU A 379 11.72 10.91 -13.53
CA LEU A 379 12.25 9.63 -13.99
C LEU A 379 12.82 9.67 -15.40
N ARG A 380 12.35 10.61 -16.21
CA ARG A 380 12.85 10.76 -17.57
C ARG A 380 14.35 11.07 -17.60
N HIS A 381 14.83 11.76 -16.56
CA HIS A 381 16.22 12.21 -16.51
C HIS A 381 17.23 11.15 -16.08
N ARG A 382 16.75 10.04 -15.53
CA ARG A 382 17.64 9.00 -15.03
C ARG A 382 17.53 7.69 -15.80
N TYR A 383 16.40 7.49 -16.46
CA TYR A 383 16.12 6.20 -17.08
C TYR A 383 15.70 6.37 -18.54
N PRO A 384 15.91 5.32 -19.35
CA PRO A 384 15.53 5.34 -20.77
C PRO A 384 14.02 5.54 -20.96
N GLU A 385 13.57 5.50 -22.21
CA GLU A 385 12.17 5.80 -22.51
C GLU A 385 11.27 4.60 -22.24
N ASP A 386 11.84 3.56 -21.64
CA ASP A 386 11.07 2.42 -21.16
C ASP A 386 10.10 2.90 -20.09
N VAL A 387 10.42 4.06 -19.50
CA VAL A 387 9.56 4.69 -18.51
C VAL A 387 8.18 4.94 -19.12
N VAL A 388 8.14 5.20 -20.43
CA VAL A 388 6.86 5.31 -21.12
C VAL A 388 6.18 3.96 -21.24
N VAL A 389 6.94 2.95 -21.66
CA VAL A 389 6.38 1.63 -21.93
C VAL A 389 6.19 0.79 -20.67
N VAL A 390 6.71 1.28 -19.55
CA VAL A 390 6.66 0.54 -18.30
C VAL A 390 5.91 1.26 -17.20
N ASN A 391 6.48 2.37 -16.73
CA ASN A 391 6.02 3.00 -15.50
C ASN A 391 4.59 3.55 -15.58
N LEU A 392 4.19 3.99 -16.76
CA LEU A 392 2.91 4.69 -16.92
C LEU A 392 1.71 3.84 -16.54
N VAL A 393 1.80 2.54 -16.77
CA VAL A 393 0.72 1.63 -16.41
C VAL A 393 0.98 0.86 -15.11
N HIS A 394 2.25 0.62 -14.81
CA HIS A 394 2.61 -0.27 -13.71
C HIS A 394 2.97 0.42 -12.40
N GLY A 395 3.44 1.67 -12.48
CA GLY A 395 3.86 2.40 -11.30
C GLY A 395 2.74 3.14 -10.59
N HIS A 396 1.53 3.02 -11.13
CA HIS A 396 0.39 3.77 -10.62
C HIS A 396 -0.53 2.88 -9.78
N SER A 397 -0.95 3.39 -8.62
CA SER A 397 -1.80 2.61 -7.72
C SER A 397 -3.30 2.72 -8.03
N ASP A 398 -3.75 3.92 -8.37
CA ASP A 398 -5.17 4.17 -8.57
C ASP A 398 -5.74 3.59 -9.87
N LEU A 399 -7.06 3.42 -9.88
CA LEU A 399 -7.77 2.58 -10.84
C LEU A 399 -7.59 2.95 -12.32
N SER A 400 -7.33 4.23 -12.59
CA SER A 400 -7.29 4.70 -13.98
C SER A 400 -6.21 3.99 -14.80
N ALA A 401 -5.07 3.71 -14.17
CA ALA A 401 -4.01 2.98 -14.84
C ALA A 401 -4.42 1.55 -15.14
N LEU A 402 -5.20 0.96 -14.23
CA LEU A 402 -5.71 -0.39 -14.43
C LEU A 402 -6.70 -0.41 -15.58
N LEU A 403 -7.45 0.68 -15.73
CA LEU A 403 -8.43 0.79 -16.80
C LEU A 403 -7.75 0.94 -18.15
N GLN A 404 -6.75 1.82 -18.22
CA GLN A 404 -6.00 2.01 -19.46
C GLN A 404 -5.23 0.74 -19.81
N GLU A 405 -4.76 0.03 -18.79
CA GLU A 405 -4.09 -1.24 -19.00
C GLU A 405 -5.06 -2.29 -19.53
N LEU A 406 -6.32 -2.19 -19.14
CA LEU A 406 -7.34 -3.10 -19.63
C LEU A 406 -7.70 -2.80 -21.09
N ARG A 407 -7.87 -1.52 -21.41
CA ARG A 407 -8.22 -1.12 -22.77
C ARG A 407 -7.12 -1.43 -23.77
N GLN A 408 -5.87 -1.33 -23.33
CA GLN A 408 -4.73 -1.55 -24.21
C GLN A 408 -4.60 -3.01 -24.65
N LYS A 409 -4.31 -3.23 -25.92
CA LYS A 409 -3.97 -4.56 -26.41
C LYS A 409 -2.57 -4.94 -25.92
N GLY A 410 -2.36 -6.21 -25.58
CA GLY A 410 -3.42 -7.20 -25.57
C GLY A 410 -3.84 -7.57 -24.16
N GLU A 411 -3.54 -8.80 -23.76
CA GLU A 411 -3.90 -9.28 -22.42
C GLU A 411 -2.86 -8.80 -21.41
N GLU A 412 -2.84 -7.49 -21.19
CA GLU A 412 -1.77 -6.86 -20.41
C GLU A 412 -1.74 -7.26 -18.93
N ILE A 413 -2.91 -7.50 -18.33
CA ILE A 413 -2.95 -7.86 -16.92
C ILE A 413 -2.35 -9.23 -16.64
N PHE A 414 -1.56 -9.33 -15.57
CA PHE A 414 -1.01 -10.61 -15.16
C PHE A 414 -2.12 -11.51 -14.63
N GLN A 415 -2.10 -12.78 -15.01
CA GLN A 415 -3.13 -13.71 -14.58
C GLN A 415 -2.56 -15.01 -14.02
N LEU A 416 -2.95 -15.33 -12.80
CA LEU A 416 -2.46 -16.51 -12.10
C LEU A 416 -3.44 -17.68 -12.21
N GLN A 417 -2.92 -18.89 -12.13
CA GLN A 417 -3.75 -20.10 -12.06
C GLN A 417 -3.03 -21.21 -11.32
N GLY A 418 -3.79 -22.05 -10.64
CA GLY A 418 -3.22 -23.17 -9.92
C GLY A 418 -2.46 -22.79 -8.66
N VAL A 419 -2.90 -21.74 -7.99
CA VAL A 419 -2.32 -21.38 -6.69
C VAL A 419 -3.04 -22.13 -5.58
N TYR A 420 -2.38 -23.14 -5.04
CA TYR A 420 -3.04 -24.05 -4.10
C TYR A 420 -3.05 -23.56 -2.65
N ASP A 421 -3.81 -22.48 -2.42
CA ASP A 421 -4.02 -22.00 -1.06
C ASP A 421 -5.08 -22.88 -0.42
N GLU A 422 -4.69 -23.60 0.63
CA GLU A 422 -5.57 -24.55 1.28
C GLU A 422 -6.79 -23.90 1.96
N ALA A 423 -6.62 -22.66 2.42
CA ALA A 423 -7.67 -21.98 3.15
C ALA A 423 -8.79 -21.47 2.24
N LEU A 424 -8.51 -21.39 0.95
CA LEU A 424 -9.54 -21.12 -0.04
C LEU A 424 -10.08 -22.43 -0.59
N GLY A 425 -11.28 -22.39 -1.19
CA GLY A 425 -11.97 -23.61 -1.55
C GLY A 425 -11.40 -24.39 -2.73
N ASP A 426 -10.62 -23.73 -3.58
CA ASP A 426 -10.03 -24.40 -4.73
C ASP A 426 -8.82 -23.66 -5.28
N GLU A 427 -8.15 -24.28 -6.24
CA GLU A 427 -6.90 -23.75 -6.80
C GLU A 427 -7.09 -22.41 -7.50
N GLN A 428 -8.12 -22.31 -8.34
CA GLN A 428 -8.34 -21.07 -9.07
C GLN A 428 -8.78 -19.93 -8.16
N LEU A 429 -9.43 -20.28 -7.05
CA LEU A 429 -9.85 -19.27 -6.08
C LEU A 429 -8.63 -18.64 -5.41
N GLY A 430 -7.64 -19.48 -5.11
CA GLY A 430 -6.41 -19.01 -4.53
C GLY A 430 -5.62 -18.25 -5.56
N ALA A 431 -5.78 -18.65 -6.81
CA ALA A 431 -5.18 -17.93 -7.93
C ALA A 431 -5.77 -16.54 -8.07
N VAL A 432 -7.06 -16.41 -7.73
CA VAL A 432 -7.73 -15.12 -7.78
C VAL A 432 -7.27 -14.23 -6.64
N VAL A 433 -7.23 -14.80 -5.43
CA VAL A 433 -6.82 -14.03 -4.26
C VAL A 433 -5.36 -13.56 -4.39
N ALA A 434 -4.49 -14.44 -4.84
CA ALA A 434 -3.11 -14.08 -5.12
C ALA A 434 -3.03 -13.12 -6.30
N GLY A 435 -3.99 -13.24 -7.21
CA GLY A 435 -3.99 -12.46 -8.44
C GLY A 435 -4.47 -11.04 -8.22
N GLN A 436 -5.07 -10.80 -7.06
CA GLN A 436 -5.47 -9.45 -6.69
C GLN A 436 -4.25 -8.55 -6.52
N TRP A 437 -3.09 -9.16 -6.28
CA TRP A 437 -1.84 -8.43 -6.14
C TRP A 437 -1.42 -7.77 -7.44
N PHE A 438 -2.00 -8.21 -8.55
CA PHE A 438 -1.72 -7.60 -9.85
C PHE A 438 -2.88 -6.74 -10.36
N THR A 439 -3.91 -6.57 -9.54
CA THR A 439 -5.09 -5.79 -9.95
C THR A 439 -5.43 -4.68 -8.96
N ARG A 440 -5.37 -4.99 -7.67
CA ARG A 440 -5.67 -4.01 -6.63
C ARG A 440 -4.55 -2.98 -6.50
N GLY A 441 -4.79 -1.92 -5.72
CA GLY A 441 -3.84 -0.83 -5.59
C GLY A 441 -2.50 -1.24 -5.02
N LYS A 442 -2.50 -2.34 -4.27
CA LYS A 442 -1.28 -2.84 -3.64
C LYS A 442 -0.26 -3.25 -4.70
N ARG A 443 -0.72 -3.44 -5.93
CA ARG A 443 0.14 -3.77 -7.04
C ARG A 443 1.24 -2.73 -7.21
N ALA A 444 0.94 -1.48 -6.82
CA ALA A 444 1.89 -0.39 -6.98
C ALA A 444 3.15 -0.64 -6.16
N LEU A 445 3.02 -1.45 -5.12
CA LEU A 445 4.17 -1.81 -4.30
C LEU A 445 5.21 -2.62 -5.07
N LEU A 446 4.75 -3.48 -5.98
CA LEU A 446 5.65 -4.38 -6.71
C LEU A 446 6.76 -3.79 -7.62
N PRO A 447 6.40 -2.88 -8.54
CA PRO A 447 7.41 -2.32 -9.44
C PRO A 447 8.46 -1.51 -8.67
N PRO A 448 9.70 -1.48 -9.17
CA PRO A 448 10.81 -0.82 -8.48
C PRO A 448 10.52 0.65 -8.22
N TYR A 449 9.78 1.29 -9.13
CA TYR A 449 9.24 2.62 -8.86
C TYR A 449 7.73 2.58 -8.84
N GLY A 450 7.14 3.06 -7.76
CA GLY A 450 5.70 3.05 -7.61
C GLY A 450 5.17 4.16 -6.73
N VAL A 451 4.05 4.73 -7.13
CA VAL A 451 3.37 5.75 -6.35
C VAL A 451 2.06 5.19 -5.80
N GLY A 452 1.76 5.47 -4.54
CA GLY A 452 0.55 4.97 -3.94
C GLY A 452 0.34 5.49 -2.53
N THR A 453 -0.74 5.06 -1.91
CA THR A 453 -1.07 5.48 -0.55
C THR A 453 -0.06 4.93 0.44
N VAL A 454 0.15 5.67 1.53
CA VAL A 454 1.04 5.24 2.59
C VAL A 454 0.47 4.00 3.28
N ASP A 455 -0.84 3.80 3.13
CA ASP A 455 -1.53 2.67 3.77
C ASP A 455 -0.98 1.33 3.30
N GLN A 456 -0.57 1.26 2.05
CA GLN A 456 -0.03 0.02 1.49
C GLN A 456 1.27 -0.37 2.17
N ALA A 457 2.05 0.63 2.58
CA ALA A 457 3.30 0.40 3.28
C ALA A 457 3.07 0.16 4.76
N LEU A 458 2.09 0.88 5.32
CA LEU A 458 1.73 0.74 6.73
C LEU A 458 1.11 -0.62 7.03
N LEU A 459 0.55 -1.25 6.00
CA LEU A 459 -0.06 -2.57 6.17
C LEU A 459 0.98 -3.64 6.49
N ALA A 460 2.24 -3.35 6.23
CA ALA A 460 3.32 -4.32 6.43
C ALA A 460 3.48 -4.74 7.90
N VAL A 461 3.16 -3.84 8.83
CA VAL A 461 3.29 -4.17 10.25
C VAL A 461 2.06 -4.84 10.88
N LEU A 462 0.96 -4.89 10.14
CA LEU A 462 -0.25 -5.55 10.64
C LEU A 462 -0.16 -7.07 10.53
N GLN A 463 -0.89 -7.79 11.36
CA GLN A 463 -0.92 -9.25 11.27
C GLN A 463 -1.92 -9.71 10.21
N VAL A 464 -1.56 -9.49 8.95
CA VAL A 464 -2.42 -9.87 7.84
C VAL A 464 -1.71 -10.78 6.85
N LYS A 465 -2.45 -11.30 5.88
CA LYS A 465 -1.90 -12.22 4.89
C LYS A 465 -0.82 -11.56 4.04
N HIS A 466 0.27 -12.31 3.81
CA HIS A 466 1.36 -11.88 2.95
C HIS A 466 2.04 -10.55 3.32
N VAL A 467 2.18 -10.27 4.61
CA VAL A 467 2.88 -9.05 5.02
C VAL A 467 4.34 -9.06 4.61
N PHE A 468 4.93 -10.25 4.57
CA PHE A 468 6.32 -10.39 4.20
C PHE A 468 6.55 -9.98 2.74
N VAL A 469 5.51 -10.11 1.93
CA VAL A 469 5.57 -9.62 0.55
C VAL A 469 5.71 -8.09 0.57
N ARG A 470 5.04 -7.46 1.51
CA ARG A 470 5.11 -6.01 1.66
C ARG A 470 6.49 -5.57 2.16
N LEU A 471 7.01 -6.30 3.14
CA LEU A 471 8.34 -5.99 3.65
C LEU A 471 9.39 -6.21 2.57
N PHE A 472 9.17 -7.20 1.73
CA PHE A 472 10.07 -7.49 0.63
C PHE A 472 10.04 -6.40 -0.42
N ALA A 473 8.84 -5.92 -0.72
CA ALA A 473 8.69 -4.86 -1.72
C ALA A 473 9.34 -3.57 -1.22
N LEU A 474 9.12 -3.26 0.05
CA LEU A 474 9.70 -2.05 0.64
C LEU A 474 11.22 -2.15 0.79
N SER A 475 11.72 -3.37 0.96
CA SER A 475 13.15 -3.59 1.19
C SER A 475 14.02 -3.19 0.00
N THR A 476 13.47 -3.31 -1.20
CA THR A 476 14.23 -3.05 -2.42
C THR A 476 14.24 -1.59 -2.85
N LYS A 477 13.51 -0.74 -2.14
CA LYS A 477 13.38 0.65 -2.53
C LYS A 477 13.62 1.59 -1.36
N THR A 478 14.04 2.82 -1.65
CA THR A 478 13.99 3.89 -0.65
C THR A 478 12.53 4.24 -0.45
N VAL A 479 12.16 4.56 0.79
CA VAL A 479 10.79 4.97 1.07
C VAL A 479 10.71 6.49 1.23
N ILE A 480 9.80 7.12 0.49
CA ILE A 480 9.53 8.54 0.65
C ILE A 480 8.10 8.75 1.13
N VAL A 481 7.95 9.12 2.40
CA VAL A 481 6.64 9.41 2.95
C VAL A 481 6.30 10.87 2.75
N ASP A 482 5.58 11.16 1.67
CA ASP A 482 5.09 12.49 1.40
C ASP A 482 4.08 12.89 2.47
N GLU A 483 4.20 14.12 2.97
CA GLU A 483 3.23 14.72 3.89
C GLU A 483 2.81 13.85 5.09
N VAL A 484 3.56 13.95 6.18
CA VAL A 484 3.18 13.32 7.45
C VAL A 484 2.53 14.32 8.40
N HIS A 485 1.37 13.95 8.96
CA HIS A 485 0.66 14.83 9.89
C HIS A 485 0.96 14.46 11.34
N ALA A 486 1.03 15.47 12.20
CA ALA A 486 1.33 15.25 13.62
C ALA A 486 0.22 14.47 14.33
N TYR A 487 -1.01 14.66 13.87
CA TYR A 487 -2.15 13.97 14.43
C TYR A 487 -2.03 12.46 14.25
N ASP A 488 -1.49 12.06 13.10
CA ASP A 488 -1.35 10.64 12.78
C ASP A 488 -0.31 9.98 13.67
N VAL A 489 0.87 10.62 13.77
CA VAL A 489 1.95 10.07 14.58
C VAL A 489 1.64 10.12 16.07
N TYR A 490 0.76 11.05 16.47
CA TYR A 490 0.31 11.06 17.86
C TYR A 490 -0.70 9.95 18.14
N MSE A 491 -1.65 9.76 17.23
CA MSE A 491 -2.74 8.81 17.48
C MSE A 491 -2.44 7.33 17.22
O MSE A 491 -3.21 6.48 17.63
CB MSE A 491 -4.00 9.25 16.71
CG MSE A 491 -4.58 10.58 17.18
SE MSE A 491 -5.15 10.57 19.05
CE MSE A 491 -6.76 9.49 18.88
N THR A 492 -1.33 7.04 16.55
CA THR A 492 -1.01 5.66 16.18
C THR A 492 0.49 5.36 16.26
N THR A 493 0.82 4.07 16.34
CA THR A 493 2.21 3.63 16.36
C THR A 493 2.66 2.99 15.04
N LEU A 494 1.79 3.04 14.03
CA LEU A 494 2.03 2.32 12.79
C LEU A 494 3.33 2.72 12.09
N LEU A 495 3.53 4.02 11.92
CA LEU A 495 4.72 4.52 11.25
C LEU A 495 5.98 4.21 12.04
N HIS A 496 5.86 4.15 13.37
CA HIS A 496 7.01 3.82 14.21
C HIS A 496 7.47 2.38 13.98
N ARG A 497 6.50 1.47 13.96
CA ARG A 497 6.80 0.06 13.75
C ARG A 497 7.34 -0.18 12.34
N LEU A 498 6.75 0.53 11.38
CA LEU A 498 7.21 0.42 10.00
C LEU A 498 8.63 0.96 9.87
N LEU A 499 8.94 2.00 10.65
CA LEU A 499 10.28 2.55 10.68
C LEU A 499 11.27 1.59 11.34
N GLU A 500 10.78 0.79 12.29
CA GLU A 500 11.64 -0.20 12.92
C GLU A 500 12.00 -1.28 11.91
N TRP A 501 10.99 -1.81 11.23
CA TRP A 501 11.25 -2.83 10.22
C TRP A 501 12.05 -2.30 9.04
N LEU A 502 11.82 -1.04 8.67
CA LEU A 502 12.58 -0.38 7.62
C LEU A 502 14.04 -0.18 8.03
N GLY A 503 14.26 0.06 9.31
CA GLY A 503 15.60 0.23 9.81
C GLY A 503 16.34 -1.09 9.84
N ALA A 504 15.61 -2.16 10.12
CA ALA A 504 16.19 -3.50 10.12
C ALA A 504 16.63 -3.95 8.73
N LEU A 505 15.93 -3.47 7.70
CA LEU A 505 16.18 -3.89 6.32
C LEU A 505 17.16 -2.98 5.59
N SER A 506 17.72 -2.01 6.32
CA SER A 506 18.63 -1.01 5.75
C SER A 506 17.97 -0.23 4.62
N VAL A 507 16.70 0.11 4.83
CA VAL A 507 15.95 0.89 3.86
C VAL A 507 16.11 2.38 4.12
N PRO A 508 16.62 3.12 3.14
CA PRO A 508 16.68 4.58 3.25
C PRO A 508 15.27 5.15 3.35
N VAL A 509 15.09 6.21 4.13
CA VAL A 509 13.77 6.79 4.35
C VAL A 509 13.84 8.31 4.37
N VAL A 510 12.88 8.95 3.71
CA VAL A 510 12.73 10.40 3.78
C VAL A 510 11.30 10.71 4.18
N VAL A 511 11.13 11.52 5.22
CA VAL A 511 9.82 11.88 5.71
C VAL A 511 9.55 13.36 5.53
N LEU A 512 8.57 13.68 4.69
CA LEU A 512 8.19 15.08 4.50
C LEU A 512 7.13 15.50 5.51
N SER A 513 7.25 16.72 6.03
CA SER A 513 6.25 17.23 6.95
C SER A 513 6.25 18.75 6.99
N ALA A 514 5.06 19.34 7.12
CA ALA A 514 4.95 20.78 7.30
C ALA A 514 5.53 21.19 8.66
N THR A 515 5.30 20.35 9.66
CA THR A 515 5.83 20.56 11.01
C THR A 515 5.53 19.36 11.90
N LEU A 516 6.47 19.04 12.78
CA LEU A 516 6.26 17.99 13.77
C LEU A 516 6.74 18.46 15.14
N PRO A 517 6.05 18.03 16.20
CA PRO A 517 6.52 18.25 17.57
C PRO A 517 7.84 17.52 17.78
N SER A 518 8.73 18.07 18.60
CA SER A 518 10.06 17.50 18.78
C SER A 518 10.02 16.07 19.33
N ALA A 519 9.04 15.80 20.18
CA ALA A 519 8.89 14.47 20.75
C ALA A 519 8.58 13.44 19.67
N ARG A 520 7.83 13.87 18.66
CA ARG A 520 7.45 12.98 17.56
C ARG A 520 8.68 12.62 16.72
N ARG A 521 9.49 13.62 16.41
CA ARG A 521 10.72 13.38 15.65
C ARG A 521 11.65 12.47 16.44
N ARG A 522 11.67 12.69 17.76
CA ARG A 522 12.53 11.88 18.61
C ARG A 522 12.11 10.43 18.57
N GLU A 523 10.82 10.16 18.75
CA GLU A 523 10.35 8.78 18.72
C GLU A 523 10.47 8.11 17.34
N LEU A 524 10.33 8.90 16.27
CA LEU A 524 10.48 8.34 14.93
C LEU A 524 11.92 7.95 14.63
N VAL A 525 12.85 8.86 14.90
CA VAL A 525 14.26 8.58 14.69
C VAL A 525 14.71 7.46 15.62
N LYS A 526 14.14 7.42 16.82
CA LYS A 526 14.43 6.35 17.76
C LYS A 526 13.94 5.02 17.23
N ALA A 527 12.83 5.04 16.49
CA ALA A 527 12.29 3.80 15.95
C ALA A 527 13.16 3.27 14.83
N TYR A 528 13.53 4.15 13.90
CA TYR A 528 14.39 3.72 12.80
C TYR A 528 15.76 3.29 13.30
N ALA A 529 16.25 3.98 14.34
CA ALA A 529 17.53 3.61 14.94
C ALA A 529 17.43 2.26 15.66
N ARG A 530 16.27 2.02 16.27
CA ARG A 530 16.06 0.77 16.98
C ARG A 530 16.03 -0.39 16.02
N GLY A 531 15.46 -0.17 14.84
CA GLY A 531 15.47 -1.20 13.82
C GLY A 531 16.84 -1.38 13.21
N ALA A 532 17.56 -0.27 13.07
CA ALA A 532 18.89 -0.29 12.47
C ALA A 532 19.90 -1.01 13.35
N GLY A 533 19.60 -1.10 14.64
CA GLY A 533 20.54 -1.68 15.59
C GLY A 533 21.60 -0.68 16.02
N TRP A 534 21.38 0.60 15.71
CA TRP A 534 22.32 1.65 16.07
C TRP A 534 22.45 1.76 17.59
N GLN A 535 23.53 1.19 18.12
CA GLN A 535 23.76 1.17 19.56
C GLN A 535 24.03 2.56 20.12
N ALA A 536 24.45 3.47 19.24
CA ALA A 536 24.71 4.85 19.66
C ALA A 536 23.44 5.50 20.20
N GLU A 537 23.58 6.19 21.32
CA GLU A 537 22.43 6.77 22.02
C GLU A 537 22.47 8.29 22.07
N ARG A 538 23.35 8.90 21.28
CA ARG A 538 23.51 10.34 21.29
C ARG A 538 22.24 11.06 20.83
N ASP A 539 21.90 12.15 21.51
CA ASP A 539 20.66 12.88 21.27
C ASP A 539 20.66 13.70 19.97
N LEU A 540 19.47 13.93 19.44
CA LEU A 540 19.29 14.75 18.24
C LEU A 540 19.64 16.20 18.52
N PRO A 541 20.55 16.78 17.71
CA PRO A 541 20.87 18.20 17.89
C PRO A 541 19.67 19.10 17.64
N PRO A 542 19.51 20.16 18.44
CA PRO A 542 18.51 21.21 18.25
C PRO A 542 18.73 22.02 16.97
N ALA A 543 17.63 22.46 16.36
CA ALA A 543 17.69 23.37 15.21
C ALA A 543 16.36 24.10 15.06
N GLY A 544 16.42 25.36 14.66
CA GLY A 544 15.21 26.15 14.49
C GLY A 544 14.41 25.76 13.26
N TYR A 545 13.11 26.03 13.31
CA TYR A 545 12.24 25.80 12.17
C TYR A 545 12.43 26.90 11.13
N PRO A 546 12.37 26.54 9.83
CA PRO A 546 12.35 25.23 9.19
C PRO A 546 13.67 24.46 9.37
N ARG A 547 13.62 23.14 9.39
CA ARG A 547 14.83 22.34 9.62
C ARG A 547 14.83 20.99 8.91
N ILE A 548 16.01 20.38 8.83
CA ILE A 548 16.14 19.02 8.32
C ILE A 548 16.88 18.16 9.34
N THR A 549 16.16 17.27 10.00
CA THR A 549 16.79 16.27 10.84
C THR A 549 17.40 15.18 9.94
N TYR A 550 18.52 14.60 10.38
CA TYR A 550 19.16 13.52 9.65
C TYR A 550 19.84 12.55 10.60
N ALA A 551 19.82 11.27 10.27
CA ALA A 551 20.39 10.26 11.15
C ALA A 551 20.96 9.07 10.38
N ALA A 552 22.28 8.97 10.37
CA ALA A 552 22.97 7.79 9.86
C ALA A 552 23.56 7.03 11.03
N ALA A 553 24.41 6.05 10.75
CA ALA A 553 25.02 5.25 11.81
C ALA A 553 25.89 6.10 12.73
N GLU A 554 27.07 6.48 12.23
CA GLU A 554 28.00 7.29 13.02
C GLU A 554 27.64 8.78 12.96
N ASP A 555 26.70 9.13 12.09
CA ASP A 555 26.37 10.54 11.87
C ASP A 555 24.95 10.89 12.28
N VAL A 556 24.79 12.06 12.92
CA VAL A 556 23.48 12.63 13.23
C VAL A 556 23.54 14.14 13.04
N ARG A 557 22.51 14.72 12.43
CA ARG A 557 22.51 16.14 12.11
C ARG A 557 21.16 16.82 12.33
N GLY A 558 21.21 18.13 12.60
CA GLY A 558 20.03 18.95 12.70
C GLY A 558 20.25 20.26 11.97
N ILE A 559 19.95 20.25 10.67
CA ILE A 559 20.28 21.38 9.80
C ILE A 559 19.18 22.43 9.70
N HIS A 560 19.33 23.52 10.45
CA HIS A 560 18.44 24.67 10.31
C HIS A 560 18.75 25.41 9.02
N PHE A 561 17.74 26.05 8.44
CA PHE A 561 17.94 26.89 7.26
C PHE A 561 16.92 28.02 7.23
N ALA A 562 17.30 29.14 6.60
CA ALA A 562 16.44 30.30 6.54
C ALA A 562 15.22 30.05 5.65
N PRO A 563 14.03 30.37 6.16
CA PRO A 563 12.79 30.26 5.38
C PRO A 563 12.81 31.19 4.17
N SER A 564 12.21 30.76 3.06
CA SER A 564 12.09 31.61 1.89
C SER A 564 11.23 32.82 2.23
N GLU A 565 11.58 33.97 1.67
CA GLU A 565 10.90 35.21 2.01
C GLU A 565 9.43 35.19 1.61
N ALA A 566 9.09 34.37 0.63
CA ALA A 566 7.72 34.19 0.20
C ALA A 566 6.86 33.56 1.30
N SER A 567 7.50 32.79 2.17
CA SER A 567 6.80 32.11 3.26
C SER A 567 6.45 33.05 4.41
N ARG A 568 7.01 34.25 4.38
CA ARG A 568 6.74 35.25 5.41
C ARG A 568 5.48 36.05 5.11
N ARG A 569 4.33 35.49 5.45
CA ARG A 569 3.05 36.17 5.23
C ARG A 569 2.21 36.18 6.50
N LYS A 570 1.45 37.25 6.70
CA LYS A 570 0.42 37.26 7.73
C LYS A 570 -0.88 36.75 7.14
N VAL A 571 -1.56 35.86 7.87
CA VAL A 571 -2.83 35.33 7.39
C VAL A 571 -3.98 35.71 8.31
N ALA A 572 -4.98 36.37 7.75
CA ALA A 572 -6.18 36.74 8.50
C ALA A 572 -6.95 35.49 8.92
N LEU A 573 -7.44 35.49 10.15
CA LEU A 573 -8.20 34.36 10.67
C LEU A 573 -9.55 34.83 11.18
N ARG A 574 -10.58 34.60 10.39
CA ARG A 574 -11.93 35.01 10.76
C ARG A 574 -12.78 33.79 11.15
N TRP A 575 -13.68 33.98 12.11
CA TRP A 575 -14.60 32.93 12.52
C TRP A 575 -16.02 33.19 12.02
N VAL A 576 -16.72 32.12 11.69
CA VAL A 576 -18.15 32.21 11.41
C VAL A 576 -18.94 31.35 12.40
N SER A 577 -19.60 32.02 13.34
CA SER A 577 -20.33 31.34 14.41
C SER A 577 -21.60 30.70 13.89
N ALA A 578 -22.10 29.73 14.64
CA ALA A 578 -23.29 28.96 14.25
C ALA A 578 -24.50 29.82 13.86
N PRO A 579 -24.82 30.89 14.64
CA PRO A 579 -25.88 31.77 14.15
C PRO A 579 -25.56 32.41 12.78
N GLU A 580 -24.30 32.68 12.48
CA GLU A 580 -23.89 33.27 11.20
C GLU A 580 -23.77 32.22 10.07
N HIS A 581 -23.86 30.96 10.47
CA HIS A 581 -23.54 29.87 9.56
C HIS A 581 -24.45 29.78 8.34
N GLU A 582 -25.72 30.15 8.49
CA GLU A 582 -26.61 30.19 7.34
C GLU A 582 -26.39 31.44 6.51
N ALA A 583 -25.70 32.42 7.09
CA ALA A 583 -25.29 33.62 6.37
C ALA A 583 -23.96 33.42 5.66
N LEU A 584 -23.34 32.26 5.88
CA LEU A 584 -22.06 31.95 5.23
C LEU A 584 -22.06 32.08 3.70
N GLY A 585 -23.14 31.70 3.04
CA GLY A 585 -23.20 31.83 1.59
C GLY A 585 -23.26 33.29 1.15
N GLN A 586 -23.97 34.10 1.92
CA GLN A 586 -24.02 35.53 1.67
C GLN A 586 -22.64 36.14 1.89
N LEU A 587 -21.90 35.61 2.86
CA LEU A 587 -20.54 36.05 3.10
C LEU A 587 -19.65 35.72 1.91
N LEU A 588 -19.90 34.55 1.30
CA LEU A 588 -19.19 34.18 0.08
C LEU A 588 -19.55 35.13 -1.05
N ALA A 589 -20.78 35.63 -1.02
CA ALA A 589 -21.20 36.60 -2.03
C ALA A 589 -20.47 37.93 -1.87
N GLU A 590 -20.44 38.46 -0.65
CA GLU A 590 -19.77 39.73 -0.40
C GLU A 590 -18.25 39.66 -0.60
N ALA A 591 -17.67 38.49 -0.35
CA ALA A 591 -16.22 38.34 -0.50
C ALA A 591 -15.81 38.12 -1.96
N LEU A 592 -16.60 37.33 -2.68
CA LEU A 592 -16.27 36.97 -4.06
C LEU A 592 -17.04 37.82 -5.07
N SER A 593 -17.63 38.92 -4.61
CA SER A 593 -18.39 39.80 -5.49
C SER A 593 -17.49 40.38 -6.58
N GLN A 594 -16.22 40.55 -6.24
CA GLN A 594 -15.22 41.02 -7.18
C GLN A 594 -14.65 39.85 -7.99
N GLY A 595 -15.08 38.63 -7.64
CA GLY A 595 -14.56 37.44 -8.26
C GLY A 595 -13.50 36.76 -7.41
N GLY A 596 -12.88 35.71 -7.96
CA GLY A 596 -11.83 34.98 -7.28
C GLY A 596 -12.22 33.58 -6.83
N CYS A 597 -11.25 32.68 -6.85
CA CYS A 597 -11.46 31.29 -6.47
C CYS A 597 -11.59 31.13 -4.95
N ALA A 598 -12.37 30.15 -4.52
CA ALA A 598 -12.54 29.86 -3.10
C ALA A 598 -12.84 28.39 -2.88
N ALA A 599 -12.30 27.85 -1.79
CA ALA A 599 -12.52 26.45 -1.44
C ALA A 599 -13.16 26.35 -0.07
N ILE A 600 -13.97 25.31 0.13
CA ILE A 600 -14.60 25.09 1.43
C ILE A 600 -14.47 23.62 1.84
N ILE A 601 -13.42 23.33 2.60
CA ILE A 601 -13.21 21.99 3.13
C ILE A 601 -14.26 21.60 4.15
N CYS A 602 -14.72 20.36 4.09
CA CYS A 602 -15.66 19.82 5.07
C CYS A 602 -15.14 18.49 5.59
N ASN A 603 -15.35 18.24 6.88
CA ASN A 603 -14.83 17.04 7.52
C ASN A 603 -15.48 15.72 7.08
N THR A 604 -16.69 15.81 6.53
CA THR A 604 -17.41 14.62 6.08
C THR A 604 -18.15 14.88 4.78
N VAL A 605 -18.40 13.81 4.03
CA VAL A 605 -19.15 13.90 2.78
C VAL A 605 -20.57 14.49 2.89
N PRO A 606 -21.38 13.99 3.85
CA PRO A 606 -22.74 14.55 3.95
C PRO A 606 -22.79 16.06 4.19
N ARG A 607 -21.84 16.57 4.97
CA ARG A 607 -21.78 18.01 5.24
C ARG A 607 -21.43 18.77 3.97
N ALA A 608 -20.61 18.16 3.13
CA ALA A 608 -20.21 18.76 1.87
C ALA A 608 -21.40 18.81 0.92
N GLN A 609 -22.16 17.71 0.86
CA GLN A 609 -23.33 17.65 0.01
C GLN A 609 -24.40 18.64 0.45
N ALA A 610 -24.55 18.77 1.77
CA ALA A 610 -25.57 19.65 2.31
C ALA A 610 -25.22 21.10 2.06
N LEU A 611 -23.97 21.45 2.34
CA LEU A 611 -23.50 22.82 2.13
C LEU A 611 -23.53 23.17 0.65
N TYR A 612 -23.25 22.20 -0.20
CA TYR A 612 -23.29 22.42 -1.64
C TYR A 612 -24.72 22.68 -2.09
N SER A 613 -25.64 21.87 -1.58
CA SER A 613 -27.05 22.03 -1.93
C SER A 613 -27.56 23.39 -1.49
N ALA A 614 -27.11 23.83 -0.32
CA ALA A 614 -27.46 25.16 0.16
C ALA A 614 -26.82 26.25 -0.71
N LEU A 615 -25.64 25.96 -1.23
CA LEU A 615 -24.89 26.95 -2.00
C LEU A 615 -25.32 27.07 -3.45
N ARG A 616 -26.09 26.10 -3.94
CA ARG A 616 -26.58 26.15 -5.31
C ARG A 616 -27.48 27.35 -5.56
N GLU A 617 -28.21 27.76 -4.53
CA GLU A 617 -29.09 28.91 -4.62
C GLU A 617 -28.31 30.22 -4.81
N VAL A 618 -27.10 30.26 -4.26
CA VAL A 618 -26.30 31.48 -4.24
C VAL A 618 -25.47 31.67 -5.50
N PHE A 619 -25.03 30.57 -6.12
CA PHE A 619 -24.19 30.67 -7.31
C PHE A 619 -24.70 29.80 -8.45
N PRO A 620 -25.82 30.19 -9.07
CA PRO A 620 -26.40 29.50 -10.23
C PRO A 620 -25.46 29.47 -11.43
N GLY A 621 -24.63 30.50 -11.56
CA GLY A 621 -23.95 30.80 -12.80
C GLY A 621 -22.95 29.81 -13.33
N LEU A 622 -22.88 29.71 -14.65
CA LEU A 622 -21.85 28.95 -15.34
C LEU A 622 -20.53 29.72 -15.34
N ALA A 623 -19.42 28.99 -15.33
CA ALA A 623 -18.09 29.61 -15.42
C ALA A 623 -17.66 29.78 -16.87
N GLU A 624 -16.52 30.45 -17.07
CA GLU A 624 -15.98 30.69 -18.40
C GLU A 624 -15.57 29.40 -19.11
N ASP A 625 -15.32 28.34 -18.35
CA ASP A 625 -14.95 27.05 -18.93
C ASP A 625 -16.17 26.24 -19.37
N GLY A 626 -17.35 26.79 -19.15
CA GLY A 626 -18.58 26.15 -19.58
C GLY A 626 -19.18 25.19 -18.57
N MSE A 627 -18.52 25.08 -17.42
CA MSE A 627 -19.02 24.26 -16.32
C MSE A 627 -19.33 25.20 -15.16
O MSE A 627 -18.76 26.29 -15.08
CB MSE A 627 -17.98 23.22 -15.90
CG MSE A 627 -17.66 22.19 -16.97
SE MSE A 627 -19.18 21.06 -17.44
CE MSE A 627 -19.62 20.37 -15.68
N PRO A 628 -20.26 24.81 -14.26
CA PRO A 628 -20.71 25.72 -13.21
C PRO A 628 -19.58 26.17 -12.28
N GLU A 629 -19.65 27.43 -11.83
CA GLU A 629 -18.65 27.96 -10.92
C GLU A 629 -18.67 27.24 -9.58
N LEU A 630 -19.85 26.78 -9.18
CA LEU A 630 -19.97 25.94 -7.99
C LEU A 630 -19.65 24.50 -8.35
N ASP A 631 -18.91 23.82 -7.49
CA ASP A 631 -18.52 22.44 -7.76
C ASP A 631 -18.31 21.68 -6.45
N LEU A 632 -18.38 20.36 -6.54
CA LEU A 632 -18.27 19.50 -5.37
C LEU A 632 -17.27 18.39 -5.64
N LEU A 633 -16.51 18.00 -4.61
CA LEU A 633 -15.52 16.94 -4.76
C LEU A 633 -15.40 16.08 -3.51
N HIS A 634 -15.59 14.77 -3.69
CA HIS A 634 -15.36 13.79 -2.65
C HIS A 634 -15.21 12.40 -3.27
N ALA A 635 -14.75 11.45 -2.48
CA ALA A 635 -14.50 10.10 -2.97
C ALA A 635 -15.77 9.34 -3.36
N ARG A 636 -16.89 9.72 -2.77
CA ARG A 636 -18.13 8.94 -2.92
C ARG A 636 -18.86 9.19 -4.24
N TYR A 637 -18.20 8.85 -5.34
CA TYR A 637 -18.79 8.94 -6.68
C TYR A 637 -18.50 7.65 -7.43
N PRO A 638 -19.32 7.33 -8.44
CA PRO A 638 -18.89 6.31 -9.40
C PRO A 638 -17.62 6.82 -10.05
N TYR A 639 -16.67 5.93 -10.34
CA TYR A 639 -15.30 6.35 -10.59
C TYR A 639 -15.10 7.27 -11.78
N GLU A 640 -15.92 7.12 -12.82
CA GLU A 640 -15.80 7.99 -13.98
C GLU A 640 -16.18 9.44 -13.66
N GLU A 641 -17.24 9.61 -12.86
CA GLU A 641 -17.65 10.93 -12.42
C GLU A 641 -16.57 11.54 -11.52
N ARG A 642 -15.92 10.69 -10.74
CA ARG A 642 -14.81 11.13 -9.90
C ARG A 642 -13.65 11.60 -10.77
N GLU A 643 -13.46 10.93 -11.89
CA GLU A 643 -12.41 11.31 -12.84
C GLU A 643 -12.73 12.67 -13.44
N VAL A 644 -14.01 12.89 -13.75
CA VAL A 644 -14.41 14.15 -14.36
C VAL A 644 -14.25 15.31 -13.39
N ARG A 645 -14.78 15.16 -12.18
CA ARG A 645 -14.72 16.23 -11.19
C ARG A 645 -13.28 16.50 -10.74
N GLU A 646 -12.48 15.45 -10.64
CA GLU A 646 -11.09 15.60 -10.24
C GLU A 646 -10.30 16.30 -11.34
N ALA A 647 -10.56 15.93 -12.59
CA ALA A 647 -9.89 16.58 -13.72
C ALA A 647 -10.29 18.04 -13.86
N ARG A 648 -11.56 18.34 -13.56
CA ARG A 648 -12.03 19.72 -13.62
C ARG A 648 -11.38 20.56 -12.52
N THR A 649 -11.25 19.95 -11.34
CA THR A 649 -10.64 20.64 -10.21
C THR A 649 -9.16 20.91 -10.44
N LEU A 650 -8.42 19.88 -10.85
CA LEU A 650 -7.00 20.03 -11.14
C LEU A 650 -6.77 20.96 -12.32
N GLY A 651 -7.71 20.97 -13.25
CA GLY A 651 -7.61 21.84 -14.41
C GLY A 651 -7.87 23.28 -14.05
N ARG A 652 -8.68 23.50 -13.02
CA ARG A 652 -8.99 24.85 -12.58
C ARG A 652 -7.93 25.46 -11.64
N PHE A 653 -7.49 24.68 -10.66
CA PHE A 653 -6.74 25.28 -9.55
C PHE A 653 -5.27 24.87 -9.41
N SER A 654 -4.74 24.12 -10.37
CA SER A 654 -3.33 23.77 -10.35
C SER A 654 -2.49 24.98 -10.74
N ARG A 655 -1.17 24.88 -10.57
CA ARG A 655 -0.27 25.99 -10.83
C ARG A 655 -0.31 26.47 -12.28
N ASN A 656 -0.52 25.54 -13.20
CA ASN A 656 -0.55 25.88 -14.64
C ASN A 656 -1.95 25.87 -15.25
N GLY A 657 -2.97 25.68 -14.42
CA GLY A 657 -4.32 25.50 -14.91
C GLY A 657 -4.98 26.76 -15.45
N ARG A 658 -6.09 26.57 -16.17
CA ARG A 658 -6.87 27.67 -16.70
C ARG A 658 -7.78 28.19 -15.60
N ARG A 659 -7.27 29.13 -14.80
CA ARG A 659 -8.00 29.61 -13.65
C ARG A 659 -9.21 30.47 -14.05
N PRO A 660 -10.40 30.09 -13.55
CA PRO A 660 -11.66 30.84 -13.71
C PRO A 660 -11.61 32.17 -12.99
N HIS A 661 -12.32 33.17 -13.52
CA HIS A 661 -12.40 34.47 -12.87
C HIS A 661 -13.07 34.35 -11.50
N ARG A 662 -13.98 33.38 -11.39
CA ARG A 662 -14.62 33.10 -10.11
C ARG A 662 -15.07 31.64 -10.05
N ALA A 663 -14.86 31.01 -8.90
CA ALA A 663 -15.28 29.62 -8.70
C ALA A 663 -15.31 29.28 -7.21
N ILE A 664 -16.21 28.37 -6.84
CA ILE A 664 -16.28 27.88 -5.46
C ILE A 664 -16.27 26.36 -5.47
N LEU A 665 -15.38 25.77 -4.69
CA LEU A 665 -15.27 24.32 -4.64
C LEU A 665 -15.48 23.78 -3.23
N VAL A 666 -16.70 23.31 -2.96
CA VAL A 666 -16.95 22.53 -1.75
C VAL A 666 -16.25 21.19 -1.92
N ALA A 667 -15.59 20.73 -0.87
CA ALA A 667 -14.86 19.46 -0.94
C ALA A 667 -14.56 18.88 0.44
N THR A 668 -14.23 17.60 0.47
CA THR A 668 -13.78 16.95 1.69
C THR A 668 -12.27 17.13 1.83
N GLN A 669 -11.63 16.21 2.55
CA GLN A 669 -10.19 16.32 2.81
C GLN A 669 -9.33 15.75 1.68
N VAL A 670 -9.96 15.37 0.58
CA VAL A 670 -9.21 14.91 -0.60
C VAL A 670 -8.38 16.06 -1.18
N ILE A 671 -8.82 17.29 -0.94
CA ILE A 671 -8.05 18.48 -1.31
C ILE A 671 -7.00 18.80 -0.23
N GLU A 672 -7.31 18.42 1.00
CA GLU A 672 -6.47 18.71 2.16
C GLU A 672 -5.09 18.10 2.06
N GLN A 673 -4.99 16.96 1.39
CA GLN A 673 -3.72 16.23 1.32
C GLN A 673 -3.07 16.18 -0.08
N SER A 674 -1.76 16.38 -0.11
CA SER A 674 -0.93 16.17 -1.30
C SER A 674 -1.16 17.06 -2.52
N LEU A 675 -2.43 17.30 -2.87
CA LEU A 675 -2.75 18.00 -4.12
C LEU A 675 -2.18 19.42 -4.20
N ASP A 676 -1.65 19.75 -5.37
CA ASP A 676 -1.03 21.06 -5.61
C ASP A 676 -2.05 22.08 -6.11
N LEU A 677 -2.96 22.49 -5.23
CA LEU A 677 -3.99 23.45 -5.59
C LEU A 677 -3.75 24.84 -4.98
N ASP A 678 -4.35 25.85 -5.58
CA ASP A 678 -4.25 27.23 -5.10
C ASP A 678 -5.63 27.86 -5.01
N PHE A 679 -5.85 28.63 -3.94
CA PHE A 679 -7.14 29.29 -3.74
C PHE A 679 -6.96 30.68 -3.13
N ASP A 680 -7.72 31.64 -3.65
CA ASP A 680 -7.68 33.00 -3.16
C ASP A 680 -8.30 33.12 -1.76
N LEU A 681 -9.19 32.18 -1.45
CA LEU A 681 -9.91 32.21 -0.17
C LEU A 681 -10.17 30.78 0.31
N MSE A 682 -10.13 30.60 1.63
CA MSE A 682 -10.24 29.28 2.21
C MSE A 682 -11.24 29.26 3.38
O MSE A 682 -11.06 29.98 4.34
CB MSE A 682 -8.88 28.82 2.72
CG MSE A 682 -8.87 27.44 3.35
SE MSE A 682 -8.61 26.01 2.06
CE MSE A 682 -7.14 26.80 1.05
N VAL A 683 -12.29 28.45 3.25
CA VAL A 683 -13.20 28.22 4.36
C VAL A 683 -13.02 26.76 4.80
N THR A 684 -13.02 26.52 6.11
CA THR A 684 -12.77 25.16 6.58
C THR A 684 -13.45 24.77 7.89
N ASP A 685 -13.84 23.51 7.98
CA ASP A 685 -14.35 22.93 9.22
C ASP A 685 -13.22 22.85 10.23
N LEU A 686 -13.56 22.92 11.51
CA LEU A 686 -12.57 22.77 12.57
C LEU A 686 -11.96 21.36 12.52
N ALA A 687 -10.67 21.29 12.77
CA ALA A 687 -9.90 20.06 12.63
C ALA A 687 -8.65 20.20 13.48
N PRO A 688 -7.89 19.09 13.67
CA PRO A 688 -6.64 19.28 14.40
C PRO A 688 -5.73 20.24 13.65
N VAL A 689 -4.97 21.06 14.37
CA VAL A 689 -4.35 22.23 13.78
C VAL A 689 -3.38 21.95 12.65
N ASP A 690 -2.68 20.81 12.72
CA ASP A 690 -1.77 20.44 11.64
C ASP A 690 -2.53 20.20 10.34
N LEU A 691 -3.74 19.63 10.48
CA LEU A 691 -4.59 19.40 9.32
C LEU A 691 -5.16 20.70 8.78
N VAL A 692 -5.48 21.63 9.67
CA VAL A 692 -6.01 22.93 9.26
C VAL A 692 -4.94 23.72 8.51
N LEU A 693 -3.72 23.67 9.00
CA LEU A 693 -2.60 24.33 8.33
C LEU A 693 -2.31 23.65 7.00
N GLN A 694 -2.44 22.33 6.97
CA GLN A 694 -2.22 21.59 5.73
C GLN A 694 -3.27 21.98 4.69
N ARG A 695 -4.49 22.23 5.16
CA ARG A 695 -5.55 22.76 4.30
C ARG A 695 -5.21 24.19 3.88
N MSE A 696 -4.52 24.90 4.75
CA MSE A 696 -4.22 26.30 4.55
C MSE A 696 -3.03 26.48 3.62
O MSE A 696 -2.73 27.59 3.18
CB MSE A 696 -3.95 26.98 5.90
CG MSE A 696 -4.05 28.49 5.87
SE MSE A 696 -3.18 29.28 7.42
CE MSE A 696 -1.36 28.68 7.08
N GLY A 697 -2.36 25.38 3.30
CA GLY A 697 -1.24 25.44 2.39
C GLY A 697 -1.68 25.64 0.96
N ARG A 698 -2.95 25.35 0.70
CA ARG A 698 -3.53 25.57 -0.62
C ARG A 698 -3.94 27.04 -0.80
N LEU A 699 -3.93 27.79 0.30
CA LEU A 699 -4.28 29.21 0.25
C LEU A 699 -3.10 30.04 -0.25
N HIS A 700 -3.29 30.70 -1.39
CA HIS A 700 -2.23 31.50 -2.02
C HIS A 700 -0.94 30.71 -2.20
N ARG A 701 -1.07 29.44 -2.56
CA ARG A 701 0.07 28.55 -2.68
C ARG A 701 1.06 28.95 -3.78
N HIS A 702 0.55 29.49 -4.87
CA HIS A 702 1.39 29.83 -6.02
C HIS A 702 1.51 31.34 -6.24
N PRO A 703 2.75 31.85 -6.10
CA PRO A 703 3.06 33.28 -6.28
C PRO A 703 2.68 33.80 -7.67
N VAL A 704 2.76 32.93 -8.68
CA VAL A 704 2.46 33.32 -10.05
C VAL A 704 1.00 33.81 -10.17
N HIS A 705 0.14 33.30 -9.30
CA HIS A 705 -1.26 33.70 -9.29
C HIS A 705 -1.50 35.02 -8.57
N ASP A 706 -0.50 35.53 -7.88
CA ASP A 706 -0.65 36.75 -7.06
C ASP A 706 -1.16 37.99 -7.81
N PRO A 707 -0.54 38.35 -8.96
CA PRO A 707 -0.97 39.59 -9.62
C PRO A 707 -2.45 39.62 -10.02
N LEU A 708 -3.01 38.48 -10.42
CA LEU A 708 -4.36 38.44 -10.96
C LEU A 708 -5.46 38.28 -9.91
N ARG A 709 -5.08 38.17 -8.65
CA ARG A 709 -6.04 38.01 -7.57
C ARG A 709 -6.88 39.27 -7.38
N PRO A 710 -8.17 39.10 -7.02
CA PRO A 710 -9.06 40.21 -6.75
C PRO A 710 -8.56 41.02 -5.55
N GLU A 711 -8.80 42.32 -5.58
CA GLU A 711 -8.31 43.22 -4.54
C GLU A 711 -8.85 42.85 -3.15
N ARG A 712 -10.08 42.36 -3.11
CA ARG A 712 -10.71 41.96 -1.86
C ARG A 712 -10.00 40.76 -1.24
N LEU A 713 -9.41 39.93 -2.09
CA LEU A 713 -8.75 38.71 -1.64
C LEU A 713 -7.21 38.77 -1.67
N ARG A 714 -6.66 39.93 -1.96
CA ARG A 714 -5.21 40.07 -2.07
C ARG A 714 -4.48 39.75 -0.76
N SER A 715 -5.12 40.08 0.36
CA SER A 715 -4.62 39.67 1.67
C SER A 715 -5.10 38.25 1.96
N PRO A 716 -4.16 37.34 2.27
CA PRO A 716 -4.55 35.95 2.55
C PRO A 716 -5.48 35.90 3.76
N GLU A 717 -6.46 35.02 3.72
CA GLU A 717 -7.50 35.00 4.74
C GLU A 717 -8.08 33.59 4.89
N LEU A 718 -8.22 33.16 6.14
CA LEU A 718 -8.68 31.82 6.44
C LEU A 718 -9.90 31.85 7.34
N TRP A 719 -11.06 31.51 6.79
CA TRP A 719 -12.29 31.42 7.56
C TRP A 719 -12.45 30.03 8.17
N VAL A 720 -12.73 29.99 9.47
CA VAL A 720 -12.98 28.72 10.14
C VAL A 720 -14.43 28.65 10.60
N VAL A 721 -15.07 27.50 10.38
CA VAL A 721 -16.44 27.31 10.83
C VAL A 721 -16.47 27.03 12.33
N SER A 722 -17.09 27.95 13.07
CA SER A 722 -17.19 27.82 14.52
C SER A 722 -18.27 26.81 14.93
N PRO A 723 -17.94 25.96 15.92
CA PRO A 723 -18.89 25.07 16.59
C PRO A 723 -19.89 25.88 17.40
N GLN A 724 -21.09 25.34 17.63
CA GLN A 724 -22.02 25.99 18.55
C GLN A 724 -21.34 26.12 19.89
N VAL A 725 -21.55 27.24 20.57
CA VAL A 725 -20.89 27.45 21.86
C VAL A 725 -21.86 27.82 22.97
N MSE A 726 -22.22 26.82 23.78
CA MSE A 726 -22.97 27.08 25.01
C MSE A 726 -21.99 27.59 26.03
O MSE A 726 -21.05 26.89 26.41
CB MSE A 726 -23.61 25.79 25.52
CG MSE A 726 -24.62 25.16 24.59
SE MSE A 726 -25.38 23.55 25.40
CE MSE A 726 -26.02 24.32 27.08
N GLY A 727 -22.21 28.81 26.52
CA GLY A 727 -21.27 29.43 27.43
C GLY A 727 -19.91 29.54 26.78
N ASP A 728 -18.89 29.00 27.44
CA ASP A 728 -17.56 28.93 26.88
C ASP A 728 -17.24 27.53 26.36
N VAL A 729 -18.25 26.65 26.37
CA VAL A 729 -18.04 25.26 25.98
C VAL A 729 -18.48 24.97 24.55
N PRO A 730 -17.52 24.61 23.69
CA PRO A 730 -17.78 24.20 22.31
C PRO A 730 -18.58 22.90 22.24
N ILE A 731 -19.42 22.78 21.22
CA ILE A 731 -20.21 21.57 20.97
C ILE A 731 -19.97 21.15 19.52
N PHE A 732 -19.00 20.26 19.32
CA PHE A 732 -18.62 19.84 17.98
C PHE A 732 -19.70 19.03 17.27
N ASP A 733 -19.80 19.21 15.95
CA ASP A 733 -20.76 18.46 15.14
C ASP A 733 -20.39 16.98 15.12
N ARG A 734 -21.41 16.13 15.00
CA ARG A 734 -21.23 14.69 15.17
C ARG A 734 -20.30 14.06 14.14
N GLY A 735 -20.27 14.62 12.92
CA GLY A 735 -19.43 14.09 11.87
C GLY A 735 -17.95 14.29 12.17
N SER A 736 -17.59 15.51 12.56
CA SER A 736 -16.21 15.80 12.92
C SER A 736 -15.81 15.03 14.17
N ALA A 737 -16.77 14.84 15.07
CA ALA A 737 -16.53 14.09 16.29
C ALA A 737 -16.26 12.61 16.00
N SER A 738 -16.90 12.10 14.96
CA SER A 738 -16.69 10.72 14.55
C SER A 738 -15.41 10.55 13.73
N VAL A 739 -15.00 11.61 13.04
CA VAL A 739 -13.77 11.54 12.24
C VAL A 739 -12.50 11.79 13.06
N TYR A 740 -12.53 12.80 13.92
CA TYR A 740 -11.35 13.19 14.69
C TYR A 740 -11.53 12.98 16.18
N ASP A 741 -10.43 12.85 16.90
CA ASP A 741 -10.48 12.78 18.35
C ASP A 741 -11.06 14.09 18.88
N GLU A 742 -12.02 13.98 19.80
CA GLU A 742 -12.74 15.15 20.29
C GLU A 742 -11.85 16.08 21.12
N HIS A 743 -10.99 15.50 21.95
CA HIS A 743 -10.11 16.29 22.80
C HIS A 743 -9.11 17.10 21.98
N THR A 744 -8.66 16.52 20.87
CA THR A 744 -7.74 17.21 19.99
C THR A 744 -8.42 18.40 19.32
N LEU A 745 -9.69 18.22 18.97
CA LEU A 745 -10.49 19.32 18.43
C LEU A 745 -10.66 20.40 19.47
N LEU A 746 -10.77 20.00 20.73
CA LEU A 746 -10.89 20.97 21.81
C LEU A 746 -9.60 21.77 21.98
N ARG A 747 -8.46 21.08 21.91
CA ARG A 747 -7.17 21.73 22.03
C ARG A 747 -6.95 22.70 20.88
N SER A 748 -7.40 22.29 19.69
CA SER A 748 -7.21 23.11 18.50
C SER A 748 -8.08 24.35 18.54
N TRP A 749 -9.34 24.17 18.95
CA TRP A 749 -10.26 25.28 19.06
C TRP A 749 -9.81 26.26 20.12
N LEU A 750 -9.24 25.73 21.21
CA LEU A 750 -8.71 26.61 22.25
C LEU A 750 -7.47 27.36 21.79
N ALA A 751 -6.64 26.71 20.98
CA ALA A 751 -5.45 27.36 20.43
C ALA A 751 -5.78 28.42 19.38
N LEU A 752 -6.92 28.27 18.70
CA LEU A 752 -7.26 29.16 17.60
C LEU A 752 -8.34 30.20 17.87
N ARG A 753 -9.08 30.05 18.97
CA ARG A 753 -10.27 30.88 19.19
C ARG A 753 -9.99 32.36 19.42
N ASP A 754 -8.81 32.68 19.92
CA ASP A 754 -8.47 34.08 20.21
C ASP A 754 -7.53 34.72 19.19
N ARG A 755 -7.08 33.94 18.22
CA ARG A 755 -6.20 34.46 17.18
C ARG A 755 -6.92 35.40 16.22
N ASP A 756 -6.20 36.43 15.76
CA ASP A 756 -6.72 37.34 14.75
C ASP A 756 -5.87 37.24 13.48
N THR A 757 -4.58 37.03 13.68
CA THR A 757 -3.63 36.93 12.58
C THR A 757 -2.60 35.84 12.86
N LEU A 758 -2.30 35.04 11.85
CA LEU A 758 -1.24 34.05 11.96
C LEU A 758 0.04 34.59 11.34
N GLN A 759 1.15 34.50 12.08
CA GLN A 759 2.44 34.95 11.60
C GLN A 759 3.27 33.78 11.07
N LEU A 760 3.10 33.47 9.79
CA LEU A 760 3.86 32.42 9.14
C LEU A 760 5.30 32.88 8.93
N PRO A 761 6.27 31.94 8.92
CA PRO A 761 6.10 30.50 9.08
C PRO A 761 6.25 29.99 10.52
N GLU A 762 6.68 30.86 11.43
CA GLU A 762 6.93 30.44 12.82
C GLU A 762 5.67 30.00 13.56
N ASP A 763 4.53 30.59 13.21
CA ASP A 763 3.27 30.27 13.87
C ASP A 763 2.79 28.86 13.57
N ILE A 764 3.30 28.26 12.49
CA ILE A 764 2.98 26.89 12.15
C ILE A 764 3.50 25.95 13.25
N GLU A 765 4.83 25.97 13.42
CA GLU A 765 5.47 25.17 14.43
C GLU A 765 5.01 25.59 15.81
N GLU A 766 4.70 26.87 15.98
CA GLU A 766 4.25 27.37 17.28
C GLU A 766 2.90 26.77 17.66
N LEU A 767 1.96 26.79 16.73
CA LEU A 767 0.63 26.24 16.98
C LEU A 767 0.66 24.74 17.18
N VAL A 768 1.37 24.03 16.29
CA VAL A 768 1.43 22.58 16.40
C VAL A 768 2.16 22.14 17.67
N GLU A 769 3.17 22.89 18.08
CA GLU A 769 3.90 22.58 19.30
C GLU A 769 3.13 23.08 20.52
N GLN A 770 2.09 23.87 20.28
CA GLN A 770 1.21 24.27 21.38
C GLN A 770 0.14 23.23 21.64
N VAL A 771 -0.45 22.70 20.58
CA VAL A 771 -1.59 21.79 20.70
C VAL A 771 -1.21 20.38 21.16
N TYR A 772 -0.19 19.81 20.54
CA TYR A 772 0.21 18.44 20.84
C TYR A 772 1.16 18.31 22.04
N SER A 773 1.65 19.44 22.53
CA SER A 773 2.58 19.42 23.66
C SER A 773 1.88 19.42 25.02
N ASP A 774 2.69 19.28 26.06
CA ASP A 774 2.22 18.96 27.41
C ASP A 774 1.30 19.99 28.05
N GLY A 775 1.39 21.24 27.62
CA GLY A 775 0.68 22.31 28.27
C GLY A 775 -0.83 22.16 28.31
N ARG A 776 -1.38 22.09 29.52
CA ARG A 776 -2.82 22.15 29.73
C ARG A 776 -3.17 23.61 29.98
N VAL A 777 -4.10 24.15 29.20
CA VAL A 777 -4.47 25.55 29.38
C VAL A 777 -5.99 25.79 29.45
N PRO A 778 -6.61 25.41 30.58
CA PRO A 778 -8.00 25.77 30.89
C PRO A 778 -8.17 27.29 30.93
N GLN A 779 -7.11 27.99 31.34
CA GLN A 779 -7.03 29.46 31.38
C GLN A 779 -8.15 30.19 32.15
N GLY A 780 -8.55 29.62 33.28
CA GLY A 780 -9.49 30.28 34.17
C GLY A 780 -10.90 30.40 33.62
N ALA A 781 -11.35 29.38 32.90
CA ALA A 781 -12.68 29.38 32.31
C ALA A 781 -13.70 28.62 33.17
N SER A 782 -14.87 28.33 32.59
CA SER A 782 -15.96 27.70 33.33
C SER A 782 -15.70 26.23 33.67
N GLU A 783 -16.33 25.77 34.74
CA GLU A 783 -16.15 24.41 35.24
C GLU A 783 -16.61 23.34 34.23
N GLU A 784 -17.66 23.64 33.49
CA GLU A 784 -18.20 22.70 32.52
C GLU A 784 -17.19 22.42 31.40
N LEU A 785 -16.45 23.46 31.04
CA LEU A 785 -15.40 23.33 30.03
C LEU A 785 -14.28 22.43 30.54
N ARG A 786 -13.98 22.56 31.83
CA ARG A 786 -12.96 21.74 32.46
C ARG A 786 -13.42 20.29 32.46
N SER A 787 -14.72 20.09 32.64
CA SER A 787 -15.31 18.76 32.62
C SER A 787 -15.20 18.16 31.23
N LEU A 788 -15.46 18.96 30.21
CA LEU A 788 -15.34 18.50 28.82
C LEU A 788 -13.90 18.13 28.51
N TRP A 789 -12.97 18.91 29.04
CA TRP A 789 -11.56 18.69 28.80
C TRP A 789 -11.14 17.35 29.38
N GLU A 790 -11.40 17.18 30.66
CA GLU A 790 -10.96 15.97 31.35
C GLU A 790 -11.65 14.72 30.81
N ARG A 791 -12.91 14.88 30.41
CA ARG A 791 -13.68 13.75 29.92
C ARG A 791 -13.18 13.29 28.55
N THR A 792 -13.03 14.24 27.63
CA THR A 792 -12.56 13.89 26.29
C THR A 792 -11.13 13.35 26.34
N PHE A 793 -10.31 13.91 27.23
CA PHE A 793 -8.95 13.42 27.36
C PHE A 793 -8.93 12.00 27.92
N LYS A 794 -9.81 11.72 28.87
CA LYS A 794 -9.90 10.38 29.44
C LYS A 794 -10.36 9.38 28.38
N ALA A 795 -11.22 9.84 27.48
CA ALA A 795 -11.68 8.98 26.39
C ALA A 795 -10.53 8.66 25.44
N GLN A 796 -9.77 9.69 25.07
CA GLN A 796 -8.65 9.51 24.16
C GLN A 796 -7.62 8.56 24.74
N GLN A 797 -7.29 8.76 26.01
CA GLN A 797 -6.33 7.89 26.69
C GLN A 797 -6.86 6.47 26.81
N LYS A 798 -8.17 6.32 26.99
CA LYS A 798 -8.75 4.99 27.06
C LYS A 798 -8.59 4.28 25.71
N VAL A 799 -8.70 5.04 24.63
CA VAL A 799 -8.52 4.47 23.29
C VAL A 799 -7.07 4.03 23.08
N LEU A 800 -6.14 4.91 23.42
CA LEU A 800 -4.72 4.61 23.22
C LEU A 800 -4.27 3.42 24.08
N ARG A 801 -4.79 3.35 25.30
CA ARG A 801 -4.46 2.25 26.19
C ARG A 801 -5.04 0.95 25.67
N GLU A 802 -6.28 1.01 25.20
CA GLU A 802 -6.93 -0.19 24.71
C GLU A 802 -6.21 -0.71 23.48
N ASP A 803 -5.70 0.19 22.64
CA ASP A 803 -4.93 -0.24 21.49
C ASP A 803 -3.59 -0.84 21.91
N SER A 804 -2.97 -0.25 22.94
CA SER A 804 -1.69 -0.78 23.40
C SER A 804 -1.83 -2.18 23.99
N LEU A 805 -2.99 -2.45 24.61
CA LEU A 805 -3.21 -3.75 25.22
C LEU A 805 -3.65 -4.82 24.22
N GLN A 806 -4.08 -4.39 23.04
CA GLN A 806 -4.52 -5.33 22.00
C GLN A 806 -3.48 -5.48 20.90
N ALA A 807 -2.28 -4.95 21.15
CA ALA A 807 -1.23 -4.90 20.14
C ALA A 807 -0.76 -6.27 19.68
N LYS A 808 -0.81 -7.26 20.57
CA LYS A 808 -0.39 -8.61 20.21
C LYS A 808 -1.28 -9.23 19.15
N TYR A 809 -2.55 -8.83 19.15
CA TYR A 809 -3.51 -9.36 18.19
C TYR A 809 -3.57 -8.55 16.89
N ARG A 810 -2.84 -7.44 16.83
CA ARG A 810 -2.94 -6.53 15.70
C ARG A 810 -1.62 -6.35 14.96
N TYR A 811 -0.56 -6.09 15.70
CA TYR A 811 0.74 -5.79 15.10
C TYR A 811 1.67 -7.00 15.08
N ILE A 812 2.51 -7.06 14.05
CA ILE A 812 3.56 -8.08 13.97
C ILE A 812 4.68 -7.75 14.94
N LYS A 813 5.43 -8.77 15.32
CA LYS A 813 6.57 -8.60 16.22
C LYS A 813 7.62 -7.70 15.57
N GLY A 814 8.37 -6.99 16.40
CA GLY A 814 9.43 -6.13 15.91
C GLY A 814 10.58 -6.95 15.40
N PRO A 815 11.52 -6.31 14.68
CA PRO A 815 12.66 -6.97 14.03
C PRO A 815 13.57 -7.72 15.00
N GLY A 816 13.64 -7.26 16.25
CA GLY A 816 14.54 -7.86 17.22
C GLY A 816 14.02 -9.14 17.83
N TYR A 817 12.81 -9.53 17.45
CA TYR A 817 12.22 -10.79 17.90
C TYR A 817 13.05 -11.96 17.39
N ASN A 818 13.23 -12.97 18.24
CA ASN A 818 14.18 -14.05 17.95
C ASN A 818 13.64 -15.22 17.12
N SER A 819 12.43 -15.67 17.41
CA SER A 819 11.86 -16.81 16.71
C SER A 819 11.22 -16.42 15.39
N ILE A 820 11.57 -17.13 14.32
CA ILE A 820 10.98 -16.86 13.00
C ILE A 820 9.48 -17.16 13.02
N TRP A 821 9.09 -18.18 13.78
CA TRP A 821 7.69 -18.45 14.03
C TRP A 821 7.19 -17.46 15.08
N GLY A 822 5.90 -17.16 15.03
CA GLY A 822 5.31 -16.29 16.03
C GLY A 822 5.46 -14.80 15.76
N ILE A 823 6.09 -14.47 14.63
CA ILE A 823 6.12 -13.08 14.18
C ILE A 823 4.69 -12.69 13.83
N VAL A 824 3.92 -13.67 13.38
CA VAL A 824 2.49 -13.50 13.14
C VAL A 824 1.72 -14.67 13.76
N THR A 825 0.90 -14.36 14.76
CA THR A 825 0.12 -15.39 15.45
C THR A 825 -1.37 -15.07 15.38
N ALA A 826 -2.11 -15.91 14.64
CA ALA A 826 -3.57 -15.80 14.53
C ALA A 826 -4.04 -14.52 13.83
N SER A 827 -5.11 -14.62 13.04
CA SER A 827 -5.76 -15.89 12.73
C SER A 827 -5.11 -16.50 11.49
N VAL A 828 -4.12 -17.35 11.70
CA VAL A 828 -3.31 -17.91 10.63
C VAL A 828 -4.14 -18.73 9.64
N GLU A 829 -3.93 -18.48 8.34
CA GLU A 829 -4.58 -19.23 7.27
C GLU A 829 -6.10 -19.30 7.37
N GLU A 830 -6.74 -18.14 7.48
CA GLU A 830 -8.20 -18.09 7.73
C GLU A 830 -9.12 -18.64 6.61
N ASP A 831 -9.04 -18.17 5.35
CA ASP A 831 -8.30 -17.02 4.86
C ASP A 831 -9.20 -16.46 3.76
N ALA A 832 -9.04 -15.21 3.33
CA ALA A 832 -8.06 -14.26 3.85
C ALA A 832 -8.72 -13.21 4.74
N PRO A 833 -8.29 -13.13 6.01
CA PRO A 833 -8.80 -12.12 6.94
C PRO A 833 -8.46 -10.71 6.47
N GLU A 834 -9.34 -9.76 6.77
CA GLU A 834 -9.08 -8.36 6.47
C GLU A 834 -7.85 -7.94 7.28
N LEU A 835 -6.96 -7.08 6.75
CA LEU A 835 -7.12 -6.18 5.60
C LEU A 835 -8.15 -5.05 5.82
N HIS A 836 -8.52 -4.38 4.74
CA HIS A 836 -9.20 -3.07 4.83
C HIS A 836 -10.50 -2.99 5.64
N PRO A 837 -11.47 -3.91 5.40
CA PRO A 837 -12.72 -3.83 6.17
C PRO A 837 -12.62 -3.96 7.70
N ALA A 838 -11.66 -4.72 8.22
CA ALA A 838 -11.68 -5.04 9.66
C ALA A 838 -10.49 -4.52 10.48
N LEU A 839 -9.37 -5.21 10.41
CA LEU A 839 -8.20 -4.88 11.25
C LEU A 839 -7.66 -3.49 10.95
N GLN A 840 -7.90 -3.02 9.74
CA GLN A 840 -7.54 -1.66 9.35
C GLN A 840 -8.29 -0.63 10.18
N ALA A 841 -9.51 -0.98 10.60
CA ALA A 841 -10.35 -0.07 11.36
C ALA A 841 -10.00 0.00 12.85
N LEU A 842 -9.64 -1.12 13.44
CA LEU A 842 -9.27 -1.17 14.86
C LEU A 842 -8.00 -0.36 15.13
N THR A 843 -7.10 -0.33 14.15
CA THR A 843 -5.87 0.43 14.26
C THR A 843 -6.03 1.85 13.71
N ARG A 844 -7.23 2.16 13.22
CA ARG A 844 -7.54 3.47 12.64
C ARG A 844 -6.65 3.85 11.47
N LEU A 845 -6.14 2.84 10.76
CA LEU A 845 -5.29 3.06 9.59
C LEU A 845 -6.08 3.77 8.49
N ALA A 846 -7.36 3.43 8.40
CA ALA A 846 -8.27 4.02 7.43
C ALA A 846 -9.70 3.62 7.78
N GLU A 847 -10.67 4.31 7.20
CA GLU A 847 -12.07 3.98 7.42
C GLU A 847 -12.43 2.65 6.76
N PRO A 848 -13.09 1.75 7.49
CA PRO A 848 -13.59 0.49 6.92
C PRO A 848 -14.61 0.78 5.84
N SER A 849 -14.66 -0.03 4.78
CA SER A 849 -15.50 0.31 3.63
C SER A 849 -15.90 -0.88 2.78
N VAL A 850 -16.93 -0.68 1.96
CA VAL A 850 -17.38 -1.67 1.00
C VAL A 850 -17.18 -1.16 -0.43
N SER A 851 -16.67 -2.00 -1.30
CA SER A 851 -16.60 -1.66 -2.72
C SER A 851 -17.92 -2.02 -3.39
N ALA A 852 -18.39 -1.16 -4.28
CA ALA A 852 -19.71 -1.34 -4.89
C ALA A 852 -19.70 -0.97 -6.37
N VAL A 853 -20.57 -1.60 -7.14
CA VAL A 853 -20.71 -1.29 -8.55
C VAL A 853 -22.11 -0.76 -8.85
N CYS A 854 -22.20 0.50 -9.26
CA CYS A 854 -23.49 1.12 -9.50
C CYS A 854 -24.11 0.64 -10.80
N LEU A 855 -25.29 0.03 -10.70
CA LEU A 855 -26.00 -0.50 -11.86
C LEU A 855 -27.44 0.01 -11.87
N VAL A 856 -28.19 -0.39 -12.89
CA VAL A 856 -29.60 -0.01 -12.98
C VAL A 856 -30.51 -1.22 -13.10
N ALA A 857 -31.71 -1.10 -12.54
CA ALA A 857 -32.69 -2.19 -12.56
C ALA A 857 -33.31 -2.38 -13.95
N GLY A 858 -33.75 -3.60 -14.23
CA GLY A 858 -34.43 -3.91 -15.48
C GLY A 858 -34.72 -5.39 -15.60
N SER A 859 -35.42 -5.75 -16.68
CA SER A 859 -35.70 -7.16 -16.96
C SER A 859 -34.41 -7.89 -17.28
N GLY A 860 -34.35 -9.17 -16.91
CA GLY A 860 -33.15 -9.96 -17.12
C GLY A 860 -32.08 -9.68 -16.09
N GLY A 861 -32.48 -9.08 -14.97
CA GLY A 861 -31.55 -8.76 -13.91
C GLY A 861 -30.83 -7.43 -14.10
N PRO A 862 -29.82 -7.17 -13.26
CA PRO A 862 -29.08 -5.89 -13.22
C PRO A 862 -28.39 -5.58 -14.53
N CYS A 863 -28.33 -4.29 -14.88
CA CYS A 863 -27.75 -3.87 -16.14
C CYS A 863 -26.89 -2.62 -15.97
N LEU A 864 -26.03 -2.38 -16.95
CA LEU A 864 -25.27 -1.13 -17.03
C LEU A 864 -26.22 0.00 -17.40
N PRO A 865 -25.88 1.23 -17.01
CA PRO A 865 -26.73 2.39 -17.32
C PRO A 865 -26.95 2.56 -18.82
N ASP A 866 -25.96 2.17 -19.62
CA ASP A 866 -25.98 2.47 -21.05
C ASP A 866 -25.61 1.31 -21.98
N GLY A 867 -26.42 0.26 -22.05
CA GLY A 867 -27.57 0.01 -21.18
C GLY A 867 -27.64 -1.50 -21.09
N THR A 868 -26.49 -2.12 -21.43
CA THR A 868 -26.36 -3.56 -21.60
C THR A 868 -26.47 -4.37 -20.31
N PRO A 869 -27.09 -5.57 -20.39
CA PRO A 869 -27.23 -6.50 -19.27
C PRO A 869 -25.90 -7.02 -18.74
N VAL A 870 -25.84 -7.26 -17.43
CA VAL A 870 -24.68 -7.87 -16.81
C VAL A 870 -25.01 -9.29 -16.33
N ASP A 871 -24.15 -10.25 -16.64
CA ASP A 871 -24.30 -11.60 -16.13
C ASP A 871 -23.44 -11.80 -14.89
N LEU A 872 -24.09 -11.86 -13.73
CA LEU A 872 -23.38 -11.97 -12.46
C LEU A 872 -22.85 -13.38 -12.20
N ASP A 873 -23.33 -14.34 -12.98
CA ASP A 873 -22.98 -15.74 -12.76
C ASP A 873 -21.66 -16.20 -13.37
N THR A 874 -21.06 -15.37 -14.23
CA THR A 874 -19.80 -15.72 -14.87
C THR A 874 -18.80 -14.58 -14.75
N PRO A 875 -17.50 -14.90 -14.72
CA PRO A 875 -16.49 -13.84 -14.67
C PRO A 875 -16.59 -12.93 -15.89
N PRO A 876 -16.42 -11.62 -15.68
CA PRO A 876 -16.38 -10.61 -16.76
C PRO A 876 -15.19 -10.77 -17.70
N ASP A 877 -15.40 -10.46 -18.97
CA ASP A 877 -14.31 -10.26 -19.92
C ASP A 877 -13.72 -8.88 -19.65
N ALA A 878 -12.48 -8.65 -20.09
CA ALA A 878 -11.74 -7.47 -19.71
C ALA A 878 -12.43 -6.15 -20.07
N ALA A 879 -13.12 -6.14 -21.21
CA ALA A 879 -13.85 -4.94 -21.61
C ALA A 879 -15.03 -4.68 -20.68
N MSE A 880 -15.81 -5.73 -20.44
CA MSE A 880 -16.96 -5.64 -19.55
C MSE A 880 -16.49 -5.34 -18.12
O MSE A 880 -17.16 -4.63 -17.38
CB MSE A 880 -17.75 -6.94 -19.59
CG MSE A 880 -19.01 -6.93 -18.73
SE MSE A 880 -20.40 -5.77 -19.46
CE MSE A 880 -20.68 -6.67 -21.17
N ALA A 881 -15.34 -5.90 -17.76
CA ALA A 881 -14.76 -5.63 -16.45
C ALA A 881 -14.35 -4.17 -16.32
N GLU A 882 -13.90 -3.59 -17.42
CA GLU A 882 -13.51 -2.18 -17.42
C GLU A 882 -14.75 -1.30 -17.25
N ARG A 883 -15.78 -1.60 -18.03
CA ARG A 883 -17.02 -0.83 -17.97
C ARG A 883 -17.68 -0.94 -16.59
N LEU A 884 -17.56 -2.12 -15.98
CA LEU A 884 -18.08 -2.33 -14.62
C LEU A 884 -17.27 -1.57 -13.59
N LEU A 885 -15.95 -1.56 -13.76
CA LEU A 885 -15.08 -0.84 -12.82
C LEU A 885 -15.25 0.67 -12.92
N ARG A 886 -15.70 1.15 -14.08
CA ARG A 886 -15.98 2.58 -14.23
C ARG A 886 -17.16 3.02 -13.37
N ARG A 887 -18.02 2.08 -13.02
CA ARG A 887 -19.17 2.36 -12.15
C ARG A 887 -18.88 2.13 -10.67
N SER A 888 -17.64 1.76 -10.34
CA SER A 888 -17.27 1.43 -8.97
C SER A 888 -17.23 2.63 -8.02
N VAL A 889 -17.48 2.36 -6.73
CA VAL A 889 -17.42 3.38 -5.69
C VAL A 889 -17.12 2.74 -4.33
N ALA A 890 -16.33 3.42 -3.51
CA ALA A 890 -16.00 2.93 -2.18
C ALA A 890 -16.85 3.60 -1.10
N ILE A 891 -18.03 3.04 -0.84
CA ILE A 891 -18.88 3.52 0.24
C ILE A 891 -18.22 3.25 1.59
N THR A 892 -18.32 4.20 2.50
CA THR A 892 -17.68 4.05 3.81
C THR A 892 -18.61 4.49 4.95
N ASP A 893 -19.79 4.97 4.60
CA ASP A 893 -20.74 5.46 5.59
C ASP A 893 -21.20 4.34 6.52
N ALA A 894 -21.22 4.61 7.81
CA ALA A 894 -21.56 3.60 8.81
C ALA A 894 -23.02 3.13 8.74
N ARG A 895 -23.90 4.01 8.30
CA ARG A 895 -25.33 3.73 8.30
C ARG A 895 -25.73 2.57 7.40
N VAL A 896 -25.04 2.43 6.28
CA VAL A 896 -25.42 1.43 5.28
C VAL A 896 -24.31 0.41 5.02
N LEU A 897 -23.21 0.52 5.75
CA LEU A 897 -22.05 -0.32 5.48
C LEU A 897 -22.33 -1.80 5.74
N ASP A 898 -22.85 -2.11 6.93
CA ASP A 898 -23.22 -3.48 7.26
C ASP A 898 -24.28 -4.11 6.34
N PRO A 899 -25.41 -3.41 6.08
CA PRO A 899 -26.39 -4.00 5.15
C PRO A 899 -25.81 -4.28 3.77
N LEU A 900 -24.89 -3.43 3.31
CA LEU A 900 -24.24 -3.66 2.02
C LEU A 900 -23.36 -4.90 2.03
N LEU A 901 -22.72 -5.15 3.18
CA LEU A 901 -21.88 -6.33 3.32
C LEU A 901 -22.70 -7.61 3.28
N ASP A 902 -23.95 -7.51 3.73
CA ASP A 902 -24.86 -8.66 3.72
C ASP A 902 -25.23 -9.06 2.30
N VAL A 903 -25.12 -8.13 1.37
CA VAL A 903 -25.32 -8.45 -0.03
C VAL A 903 -24.18 -9.37 -0.45
N PRO A 904 -24.51 -10.55 -0.97
CA PRO A 904 -23.49 -11.49 -1.45
C PRO A 904 -22.70 -10.91 -2.63
N VAL A 905 -21.41 -11.23 -2.70
CA VAL A 905 -20.65 -10.99 -3.91
C VAL A 905 -21.08 -12.05 -4.91
N PRO A 906 -21.44 -11.62 -6.14
CA PRO A 906 -21.97 -12.55 -7.15
C PRO A 906 -20.94 -13.60 -7.53
N LYS A 907 -21.42 -14.81 -7.85
CA LYS A 907 -20.55 -15.97 -8.01
C LYS A 907 -19.51 -15.81 -9.11
N GLY A 908 -19.85 -15.07 -10.16
CA GLY A 908 -18.91 -14.85 -11.24
C GLY A 908 -17.81 -13.88 -10.89
N TRP A 909 -18.08 -12.99 -9.94
CA TRP A 909 -17.14 -11.93 -9.59
C TRP A 909 -16.05 -12.38 -8.63
N GLU A 910 -16.39 -13.24 -7.67
CA GLU A 910 -15.41 -13.70 -6.69
C GLU A 910 -14.35 -14.60 -7.32
N ARG A 911 -14.67 -15.16 -8.48
CA ARG A 911 -13.70 -15.92 -9.26
C ARG A 911 -12.94 -15.03 -10.25
N SER A 912 -13.19 -13.73 -10.17
CA SER A 912 -12.46 -12.75 -10.97
C SER A 912 -11.59 -11.87 -10.09
N SER A 913 -10.29 -11.79 -10.41
CA SER A 913 -9.38 -10.94 -9.65
C SER A 913 -9.73 -9.47 -9.79
N LEU A 914 -10.27 -9.11 -10.94
CA LEU A 914 -10.68 -7.73 -11.19
C LEU A 914 -11.90 -7.29 -10.39
N LEU A 915 -12.73 -8.25 -9.98
CA LEU A 915 -14.01 -7.91 -9.36
C LEU A 915 -14.34 -8.65 -8.06
N ARG A 916 -13.36 -9.32 -7.47
CA ARG A 916 -13.57 -9.94 -6.17
C ARG A 916 -13.80 -8.88 -5.10
N GLY A 917 -14.76 -9.13 -4.21
CA GLY A 917 -15.07 -8.22 -3.12
C GLY A 917 -16.02 -7.10 -3.50
N TYR A 918 -16.46 -7.07 -4.76
CA TYR A 918 -17.39 -6.04 -5.21
C TYR A 918 -18.85 -6.45 -5.07
N ARG A 919 -19.66 -5.54 -4.52
CA ARG A 919 -21.09 -5.74 -4.36
C ARG A 919 -21.88 -4.96 -5.41
N PRO A 920 -22.74 -5.66 -6.18
CA PRO A 920 -23.61 -4.91 -7.09
C PRO A 920 -24.55 -3.99 -6.32
N LEU A 921 -24.84 -2.83 -6.89
CA LEU A 921 -25.71 -1.85 -6.24
C LEU A 921 -26.74 -1.36 -7.25
N VAL A 922 -27.90 -1.99 -7.24
CA VAL A 922 -28.91 -1.78 -8.29
C VAL A 922 -29.89 -0.66 -7.99
N PHE A 923 -29.63 0.52 -8.54
CA PHE A 923 -30.57 1.64 -8.50
C PHE A 923 -31.71 1.43 -9.49
N ASP A 924 -32.86 2.04 -9.21
CA ASP A 924 -33.98 2.01 -10.16
C ASP A 924 -33.90 3.19 -11.12
N ALA A 925 -34.94 3.38 -11.93
CA ALA A 925 -34.99 4.49 -12.86
C ALA A 925 -35.00 5.84 -12.15
N SER A 926 -35.46 5.83 -10.90
CA SER A 926 -35.51 7.03 -10.08
C SER A 926 -34.14 7.36 -9.50
N GLY A 927 -33.20 6.44 -9.65
CA GLY A 927 -31.86 6.62 -9.09
C GLY A 927 -31.81 6.25 -7.63
N ARG A 928 -32.90 5.67 -7.13
CA ARG A 928 -32.98 5.24 -5.73
C ARG A 928 -32.76 3.74 -5.58
N ALA A 929 -32.31 3.34 -4.39
CA ALA A 929 -32.15 1.92 -4.05
C ALA A 929 -32.38 1.72 -2.56
N MSE A 930 -33.04 0.60 -2.23
CA MSE A 930 -33.38 0.30 -0.84
C MSE A 930 -32.31 -0.57 -0.19
O MSE A 930 -32.30 -1.79 -0.39
CB MSE A 930 -34.74 -0.39 -0.78
CG MSE A 930 -35.30 -0.52 0.63
SE MSE A 930 -35.62 1.22 1.46
CE MSE A 930 -36.36 0.61 3.16
N VAL A 931 -31.44 0.05 0.59
CA VAL A 931 -30.39 -0.68 1.29
C VAL A 931 -30.56 -0.53 2.81
N GLY A 932 -31.01 -1.59 3.46
CA GLY A 932 -31.31 -1.53 4.87
C GLY A 932 -32.52 -0.65 5.09
N ARG A 933 -32.65 -0.07 6.28
CA ARG A 933 -33.71 0.89 6.54
C ARG A 933 -33.51 2.15 5.71
N TRP A 934 -32.25 2.45 5.40
CA TRP A 934 -31.88 3.68 4.71
C TRP A 934 -32.15 3.67 3.20
N ILE A 935 -32.37 4.85 2.63
CA ILE A 935 -32.45 5.01 1.19
C ILE A 935 -31.10 5.45 0.64
N VAL A 936 -30.60 4.71 -0.34
CA VAL A 936 -29.42 5.16 -1.08
C VAL A 936 -29.88 5.80 -2.38
N ARG A 937 -29.19 6.84 -2.84
CA ARG A 937 -29.61 7.51 -4.07
C ARG A 937 -28.39 7.98 -4.84
N ILE A 938 -28.44 7.89 -6.17
CA ILE A 938 -27.30 8.34 -6.98
C ILE A 938 -27.55 9.69 -7.68
N ASP A 939 -27.17 10.77 -7.00
CA ASP A 939 -27.33 12.12 -7.52
C ASP A 939 -26.26 12.47 -8.56
N PRO A 940 -26.66 13.09 -9.68
CA PRO A 940 -25.74 13.56 -10.72
C PRO A 940 -24.72 14.57 -10.21
N GLU A 941 -25.10 15.38 -9.23
CA GLU A 941 -24.21 16.39 -8.66
C GLU A 941 -23.64 15.95 -7.32
N LEU A 942 -24.51 15.49 -6.42
CA LEU A 942 -24.13 15.14 -5.05
C LEU A 942 -23.39 13.80 -4.92
N GLY A 943 -23.45 12.97 -5.95
CA GLY A 943 -22.94 11.62 -5.84
C GLY A 943 -23.88 10.74 -5.04
N ILE A 944 -23.37 9.64 -4.50
CA ILE A 944 -24.18 8.76 -3.67
C ILE A 944 -24.62 9.49 -2.39
N VAL A 945 -25.90 9.36 -2.05
CA VAL A 945 -26.49 10.06 -0.93
C VAL A 945 -27.32 9.09 -0.09
N VAL A 946 -26.95 8.97 1.18
CA VAL A 946 -27.74 8.19 2.13
C VAL A 946 -28.75 9.11 2.78
N GLU A 947 -29.99 8.66 2.91
CA GLU A 947 -31.03 9.47 3.53
C GLU A 947 -32.11 8.64 4.19
N SER A 948 -32.67 9.18 5.26
CA SER A 948 -33.77 8.52 5.95
C SER A 948 -35.04 8.58 5.12
N PRO A 949 -35.80 7.48 5.10
CA PRO A 949 -37.09 7.46 4.42
C PRO A 949 -38.18 8.16 5.24
NI NI B . 4.11 -23.22 -6.04
NI NI C . 2.58 -23.74 -2.93
NI NI D . 1.40 -22.99 -5.50
MG MG E . 4.27 17.51 0.30
PG DTP F . 3.12 20.51 1.22
O1G DTP F . 3.97 20.56 2.46
O2G DTP F . 1.77 21.16 1.52
O3G DTP F . 2.88 19.05 0.82
PB DTP F . 5.17 20.79 -0.60
O1B DTP F . 5.04 19.32 -0.97
O2B DTP F . 6.28 20.95 0.39
O3B DTP F . 3.83 21.32 0.02
PA DTP F . 5.43 20.99 -3.29
O1A DTP F . 6.54 19.96 -3.45
O2A DTP F . 4.11 20.32 -3.50
O3A DTP F . 5.51 21.64 -1.88
O5' DTP F . 5.65 22.10 -4.38
C5' DTP F . 4.59 23.00 -4.69
C4' DTP F . 4.64 23.65 -6.04
O4' DTP F . 5.76 24.52 -6.12
C3' DTP F . 4.80 22.63 -7.09
O3' DTP F . 3.86 22.80 -8.11
C2' DTP F . 6.14 22.80 -7.61
C1' DTP F . 6.53 24.12 -7.24
N9 DTP F . 7.91 24.14 -6.87
C8 DTP F . 8.64 23.07 -6.53
N7 DTP F . 9.91 23.46 -6.24
C5 DTP F . 9.98 24.82 -6.41
C6 DTP F . 11.01 25.78 -6.26
N6 DTP F . 12.32 25.37 -5.86
N1 DTP F . 10.76 27.05 -6.50
C2 DTP F . 9.53 27.42 -6.89
N3 DTP F . 8.52 26.56 -7.04
C4 DTP F . 8.71 25.25 -6.80
#